data_5QB1
#
_entry.id   5QB1
#
_cell.length_a   44.962
_cell.length_b   125.208
_cell.length_c   107.378
_cell.angle_alpha   90.000
_cell.angle_beta   97.820
_cell.angle_gamma   90.000
#
_symmetry.space_group_name_H-M   'P 1 21 1'
#
loop_
_entity.id
_entity.type
_entity.pdbx_description
1 polymer Beta-lactamase
2 non-polymer 'CHLORIDE ION'
3 non-polymer 1,2-ETHANEDIOL
4 non-polymer '3,5-bis(3-acetamidophenyl)benzoic acid'
5 water water
#
_entity_poly.entity_id   1
_entity_poly.type   'polypeptide(L)'
_entity_poly.pdbx_seq_one_letter_code
;KEWQENKSWNAHFTEHKSQGVVVLWNENKQQGFTNNLKRANQAFLPASTF(KCX)IPNSLIALDLGVVKDEHQVFKWDGQ
TRDIATWNRDHNLITAMKYSVVPVYQEFARQIGEARMSKMLHAFDYGNEDISGNVDSFWLDGGIRISATEQISFLRKLYH
NKLHVSERSQRIVKQAMLTEANGDYIIRAKTGYSTRIEPKIGWWVGWVELDDNVWFFAMNMDMPTSDGLGLRQAITKEVL
KQEKIIP
;
_entity_poly.pdbx_strand_id   A,B,C,D
#
loop_
_chem_comp.id
_chem_comp.type
_chem_comp.name
_chem_comp.formula
CL non-polymer 'CHLORIDE ION' 'Cl -1'
EDO non-polymer 1,2-ETHANEDIOL 'C2 H6 O2'
F1C non-polymer '3,5-bis(3-acetamidophenyl)benzoic acid' 'C23 H20 N2 O4'
#
# COMPACT_ATOMS: atom_id res chain seq x y z
N GLU A 2 31.18 7.60 29.82
CA GLU A 2 29.93 7.92 29.14
C GLU A 2 29.62 6.97 27.98
N TRP A 3 30.66 6.47 27.32
CA TRP A 3 30.48 5.47 26.28
C TRP A 3 31.49 4.36 26.54
N GLN A 4 31.00 3.14 26.73
CA GLN A 4 31.85 1.99 27.01
C GLN A 4 31.75 1.00 25.86
N GLU A 5 32.89 0.49 25.43
CA GLU A 5 32.93 -0.50 24.37
C GLU A 5 33.02 -1.89 24.98
N ASN A 6 32.08 -2.74 24.58
CA ASN A 6 31.95 -4.12 25.04
C ASN A 6 32.00 -5.01 23.80
N LYS A 7 33.21 -5.43 23.43
CA LYS A 7 33.39 -6.25 22.24
C LYS A 7 32.83 -7.66 22.39
N SER A 8 32.47 -8.08 23.59
CA SER A 8 31.86 -9.39 23.75
C SER A 8 30.57 -9.50 22.95
N TRP A 9 29.91 -8.38 22.68
CA TRP A 9 28.72 -8.41 21.85
C TRP A 9 29.03 -8.75 20.40
N ASN A 10 30.27 -8.49 19.93
CA ASN A 10 30.61 -8.85 18.56
C ASN A 10 30.29 -10.31 18.27
N ALA A 11 30.30 -11.15 19.31
CA ALA A 11 29.96 -12.56 19.13
C ALA A 11 28.54 -12.73 18.60
N HIS A 12 27.62 -11.85 18.97
CA HIS A 12 26.26 -11.96 18.46
C HIS A 12 26.18 -11.65 16.97
N PHE A 13 27.12 -10.87 16.44
CA PHE A 13 27.20 -10.64 15.01
C PHE A 13 27.99 -11.72 14.30
N THR A 14 29.20 -12.01 14.80
CA THR A 14 30.05 -13.00 14.14
C THR A 14 29.37 -14.35 14.06
N GLU A 15 28.61 -14.72 15.09
CA GLU A 15 27.95 -16.01 15.08
C GLU A 15 26.97 -16.14 13.93
N HIS A 16 26.45 -15.01 13.43
CA HIS A 16 25.55 -15.02 12.27
C HIS A 16 26.27 -14.64 10.99
N LYS A 17 27.59 -14.71 10.98
CA LYS A 17 28.38 -14.35 9.79
C LYS A 17 27.99 -12.95 9.32
N SER A 18 27.81 -12.06 10.27
N SER A 18 27.79 -12.04 10.23
CA SER A 18 27.37 -10.69 10.05
CA SER A 18 27.50 -10.67 9.83
C SER A 18 28.37 -9.72 10.65
C SER A 18 28.32 -9.70 10.68
N GLN A 19 28.18 -8.44 10.35
CA GLN A 19 28.95 -7.38 10.97
C GLN A 19 27.98 -6.25 11.19
N GLY A 20 28.11 -5.59 12.33
CA GLY A 20 27.25 -4.47 12.61
C GLY A 20 27.57 -3.90 13.97
N VAL A 21 26.68 -3.03 14.42
CA VAL A 21 26.87 -2.33 15.68
C VAL A 21 25.55 -2.32 16.44
N VAL A 22 25.63 -2.48 17.75
CA VAL A 22 24.52 -2.22 18.64
C VAL A 22 24.98 -1.17 19.63
N VAL A 23 24.16 -0.13 19.79
CA VAL A 23 24.38 0.93 20.76
C VAL A 23 23.21 0.88 21.74
N LEU A 24 23.52 0.86 23.02
CA LEU A 24 22.52 0.92 24.09
C LEU A 24 22.79 2.13 24.95
N TRP A 25 21.70 2.73 25.45
CA TRP A 25 21.79 3.88 26.35
C TRP A 25 20.90 3.62 27.55
N ASN A 26 21.50 3.56 28.74
CA ASN A 26 20.79 3.42 30.01
C ASN A 26 20.35 4.80 30.47
N GLU A 27 19.05 5.08 30.41
CA GLU A 27 18.60 6.44 30.69
C GLU A 27 18.81 6.82 32.15
N ASN A 28 18.49 5.91 33.09
CA ASN A 28 18.67 6.25 34.50
C ASN A 28 20.13 6.57 34.80
N LYS A 29 21.07 5.81 34.26
CA LYS A 29 22.48 5.99 34.56
C LYS A 29 23.19 6.95 33.62
N GLN A 30 22.54 7.35 32.52
CA GLN A 30 23.17 8.24 31.54
C GLN A 30 24.50 7.67 31.06
N GLN A 31 24.46 6.39 30.68
CA GLN A 31 25.65 5.66 30.28
C GLN A 31 25.32 4.87 29.02
N GLY A 32 26.24 4.88 28.07
CA GLY A 32 26.08 4.18 26.81
C GLY A 32 27.04 3.01 26.66
N PHE A 33 26.67 2.05 25.82
CA PHE A 33 27.44 0.84 25.59
C PHE A 33 27.34 0.49 24.11
N THR A 34 28.43 -0.02 23.55
CA THR A 34 28.41 -0.48 22.16
C THR A 34 29.52 -1.49 21.96
N ASN A 35 29.36 -2.33 20.94
CA ASN A 35 30.42 -3.25 20.58
C ASN A 35 31.47 -2.63 19.68
N ASN A 36 31.21 -1.46 19.07
CA ASN A 36 32.11 -0.93 18.05
C ASN A 36 31.97 0.59 18.02
N LEU A 37 32.85 1.30 18.75
CA LEU A 37 32.74 2.76 18.82
C LEU A 37 32.82 3.41 17.46
N LYS A 38 33.66 2.88 16.57
CA LYS A 38 33.81 3.51 15.27
C LYS A 38 32.53 3.37 14.46
N ARG A 39 32.01 2.15 14.34
CA ARG A 39 30.79 1.99 13.55
C ARG A 39 29.59 2.67 14.22
N ALA A 40 29.59 2.77 15.54
CA ALA A 40 28.51 3.48 16.22
C ALA A 40 28.44 4.92 15.76
N ASN A 41 29.56 5.48 15.30
CA ASN A 41 29.57 6.87 14.84
C ASN A 41 29.69 7.00 13.33
N GLN A 42 29.58 5.90 12.60
CA GLN A 42 29.52 5.95 11.14
C GLN A 42 28.09 6.18 10.66
N ALA A 43 27.94 7.04 9.67
CA ALA A 43 26.63 7.52 9.23
C ALA A 43 26.16 6.77 8.00
N PHE A 44 24.91 6.30 8.04
CA PHE A 44 24.30 5.56 6.95
C PHE A 44 23.00 6.22 6.53
N LEU A 45 22.49 5.84 5.35
CA LEU A 45 21.14 6.22 4.98
C LEU A 45 20.17 5.74 6.07
N PRO A 46 19.20 6.56 6.49
CA PRO A 46 18.25 6.11 7.52
C PRO A 46 17.19 5.16 7.00
N ALA A 47 16.92 5.21 5.70
CA ALA A 47 15.89 4.40 5.08
C ALA A 47 14.63 4.53 5.94
N SER A 48 13.91 3.43 6.18
CA SER A 48 12.59 3.58 6.79
C SER A 48 12.65 4.05 8.24
N THR A 49 13.83 4.12 8.87
CA THR A 49 13.83 4.74 10.19
C THR A 49 13.50 6.21 10.07
N PHE A 50 13.61 6.76 8.87
CA PHE A 50 13.22 8.14 8.64
C PHE A 50 11.71 8.33 8.78
N KCX A 51 10.95 7.25 8.83
CA KCX A 51 9.51 7.42 8.99
CB KCX A 51 8.75 6.09 8.76
CG KCX A 51 8.82 5.63 7.28
CD KCX A 51 7.96 4.37 7.02
CE KCX A 51 7.94 4.07 5.55
NZ KCX A 51 9.28 3.71 5.03
C KCX A 51 9.19 8.00 10.39
O KCX A 51 8.11 8.57 10.58
CX KCX A 51 10.00 4.58 4.31
OQ1 KCX A 51 9.50 5.71 4.04
OQ2 KCX A 51 11.15 4.26 3.90
N ILE A 52 10.12 7.94 11.33
CA ILE A 52 9.89 8.58 12.63
C ILE A 52 9.86 10.13 12.46
N PRO A 53 10.95 10.77 12.02
CA PRO A 53 10.84 12.23 11.81
C PRO A 53 9.79 12.61 10.76
N ASN A 54 9.66 11.83 9.68
CA ASN A 54 8.67 12.15 8.65
C ASN A 54 7.26 12.19 9.24
N SER A 55 6.92 11.20 10.06
CA SER A 55 5.61 11.21 10.73
C SER A 55 5.44 12.45 11.60
N LEU A 56 6.46 12.78 12.38
CA LEU A 56 6.36 13.95 13.26
C LEU A 56 6.08 15.22 12.49
N ILE A 57 6.78 15.40 11.36
CA ILE A 57 6.65 16.63 10.59
C ILE A 57 5.29 16.67 9.89
N ALA A 58 4.87 15.53 9.36
CA ALA A 58 3.56 15.49 8.70
C ALA A 58 2.44 15.80 9.70
N LEU A 59 2.55 15.28 10.91
CA LEU A 59 1.53 15.57 11.93
C LEU A 59 1.55 17.02 12.36
N ASP A 60 2.75 17.58 12.61
CA ASP A 60 2.81 18.92 13.16
C ASP A 60 2.39 19.96 12.15
N LEU A 61 2.56 19.67 10.87
CA LEU A 61 2.13 20.58 9.82
C LEU A 61 0.70 20.35 9.39
N GLY A 62 0.02 19.34 9.90
CA GLY A 62 -1.34 19.07 9.50
C GLY A 62 -1.49 18.32 8.20
N VAL A 63 -0.38 17.87 7.60
CA VAL A 63 -0.43 16.98 6.45
C VAL A 63 -1.16 15.69 6.82
N VAL A 64 -0.88 15.17 8.02
CA VAL A 64 -1.65 14.07 8.59
C VAL A 64 -2.45 14.64 9.76
N LYS A 65 -3.76 14.45 9.71
CA LYS A 65 -4.61 15.04 10.74
C LYS A 65 -4.54 14.24 12.03
N ASP A 66 -4.53 12.92 11.93
CA ASP A 66 -4.42 12.07 13.12
C ASP A 66 -4.09 10.67 12.65
N GLU A 67 -3.98 9.77 13.62
CA GLU A 67 -3.54 8.40 13.35
C GLU A 67 -4.64 7.54 12.75
N HIS A 68 -5.86 8.07 12.60
CA HIS A 68 -6.95 7.36 11.96
C HIS A 68 -7.15 7.74 10.51
N GLN A 69 -6.58 8.86 10.09
CA GLN A 69 -6.75 9.30 8.71
C GLN A 69 -6.28 8.22 7.75
N VAL A 70 -7.14 7.88 6.80
CA VAL A 70 -6.89 6.79 5.86
C VAL A 70 -6.21 7.34 4.62
N PHE A 71 -5.06 6.76 4.28
CA PHE A 71 -4.36 7.08 3.05
C PHE A 71 -4.64 5.94 2.10
N LYS A 72 -5.51 6.22 1.14
CA LYS A 72 -5.99 5.17 0.26
C LYS A 72 -4.88 4.74 -0.69
N TRP A 73 -4.76 3.43 -0.88
CA TRP A 73 -3.88 2.88 -1.91
C TRP A 73 -4.16 3.54 -3.25
N ASP A 74 -3.09 3.91 -3.96
CA ASP A 74 -3.25 4.56 -5.25
C ASP A 74 -3.58 3.58 -6.37
N GLY A 75 -3.78 2.30 -6.08
CA GLY A 75 -4.16 1.35 -7.10
C GLY A 75 -3.01 0.78 -7.92
N GLN A 76 -1.78 1.20 -7.65
CA GLN A 76 -0.62 0.68 -8.37
C GLN A 76 -0.04 -0.52 -7.62
N THR A 77 -0.06 -1.69 -8.27
CA THR A 77 0.41 -2.91 -7.64
C THR A 77 1.91 -2.86 -7.42
N ARG A 78 2.33 -2.99 -6.16
CA ARG A 78 3.74 -3.05 -5.81
C ARG A 78 4.09 -4.45 -5.30
N ASP A 79 5.39 -4.75 -5.24
CA ASP A 79 5.80 -6.12 -4.94
C ASP A 79 5.59 -6.50 -3.48
N ILE A 80 5.36 -5.55 -2.59
CA ILE A 80 5.12 -5.87 -1.19
C ILE A 80 3.61 -5.83 -0.99
N ALA A 81 3.04 -7.01 -0.74
CA ALA A 81 1.58 -7.15 -0.72
C ALA A 81 0.92 -6.20 0.26
N THR A 82 1.48 -6.07 1.47
N THR A 82 1.49 -6.05 1.47
CA THR A 82 0.84 -5.23 2.48
CA THR A 82 0.86 -5.22 2.48
C THR A 82 0.79 -3.76 2.06
C THR A 82 0.82 -3.76 2.09
N TRP A 83 1.55 -3.37 1.04
CA TRP A 83 1.50 -2.00 0.56
C TRP A 83 0.30 -1.72 -0.33
N ASN A 84 -0.34 -2.77 -0.87
CA ASN A 84 -1.41 -2.64 -1.85
C ASN A 84 -2.77 -2.65 -1.15
N ARG A 85 -2.93 -1.69 -0.25
N ARG A 85 -2.92 -1.69 -0.25
CA ARG A 85 -4.13 -1.58 0.57
CA ARG A 85 -4.11 -1.59 0.59
C ARG A 85 -4.12 -0.21 1.22
C ARG A 85 -4.12 -0.21 1.23
N ASP A 86 -5.27 0.15 1.79
CA ASP A 86 -5.38 1.41 2.50
C ASP A 86 -4.58 1.32 3.81
N HIS A 87 -4.07 2.47 4.25
CA HIS A 87 -3.30 2.53 5.49
C HIS A 87 -3.66 3.78 6.26
N ASN A 88 -3.46 3.73 7.56
CA ASN A 88 -3.39 4.92 8.39
C ASN A 88 -1.95 5.06 8.88
N LEU A 89 -1.71 6.02 9.76
CA LEU A 89 -0.32 6.22 10.22
C LEU A 89 0.21 4.97 10.92
N ILE A 90 -0.64 4.32 11.72
CA ILE A 90 -0.20 3.17 12.51
C ILE A 90 0.24 2.03 11.60
N THR A 91 -0.60 1.66 10.64
CA THR A 91 -0.30 0.52 9.78
C THR A 91 0.77 0.89 8.76
N ALA A 92 0.84 2.15 8.34
CA ALA A 92 1.90 2.55 7.41
C ALA A 92 3.27 2.45 8.08
N MET A 93 3.34 2.80 9.37
N MET A 93 3.35 2.74 9.38
CA MET A 93 4.56 2.57 10.13
CA MET A 93 4.63 2.55 10.05
C MET A 93 4.84 1.09 10.27
C MET A 93 4.89 1.08 10.34
N LYS A 94 3.85 0.32 10.69
CA LYS A 94 4.04 -1.10 10.93
C LYS A 94 4.57 -1.83 9.70
N TYR A 95 4.03 -1.54 8.53
CA TYR A 95 4.43 -2.25 7.32
C TYR A 95 5.42 -1.44 6.49
N SER A 96 5.99 -0.38 7.03
N SER A 96 5.96 -0.37 7.05
CA SER A 96 7.01 0.42 6.36
CA SER A 96 6.97 0.46 6.41
C SER A 96 6.58 0.83 4.96
C SER A 96 6.57 0.83 4.99
N VAL A 97 5.38 1.42 4.86
CA VAL A 97 4.76 1.66 3.56
C VAL A 97 5.35 2.90 2.91
N VAL A 98 6.41 2.70 2.13
CA VAL A 98 7.10 3.83 1.53
C VAL A 98 6.17 4.74 0.76
N PRO A 99 5.29 4.26 -0.12
CA PRO A 99 4.55 5.21 -0.97
C PRO A 99 3.71 6.19 -0.17
N VAL A 100 3.17 5.76 0.98
CA VAL A 100 2.43 6.67 1.82
C VAL A 100 3.34 7.79 2.32
N TYR A 101 4.53 7.44 2.79
CA TYR A 101 5.43 8.45 3.31
C TYR A 101 6.05 9.29 2.21
N GLN A 102 6.14 8.78 0.98
CA GLN A 102 6.56 9.64 -0.12
C GLN A 102 5.56 10.76 -0.35
N GLU A 103 4.26 10.47 -0.26
CA GLU A 103 3.28 11.53 -0.41
C GLU A 103 3.36 12.54 0.73
N PHE A 104 3.55 12.08 1.97
CA PHE A 104 3.80 13.01 3.07
C PHE A 104 4.91 13.99 2.70
N ALA A 105 6.04 13.45 2.25
CA ALA A 105 7.19 14.31 1.95
C ALA A 105 6.86 15.34 0.88
N ARG A 106 6.11 14.92 -0.16
CA ARG A 106 5.77 15.86 -1.22
C ARG A 106 4.94 17.01 -0.70
N GLN A 107 4.00 16.72 0.20
CA GLN A 107 3.14 17.75 0.77
C GLN A 107 3.90 18.61 1.78
N ILE A 108 4.82 18.00 2.53
CA ILE A 108 5.69 18.79 3.40
C ILE A 108 6.51 19.78 2.58
N GLY A 109 7.17 19.29 1.52
CA GLY A 109 7.97 20.13 0.66
C GLY A 109 9.39 20.29 1.18
N GLU A 110 10.30 20.60 0.24
CA GLU A 110 11.73 20.64 0.56
C GLU A 110 12.04 21.65 1.66
N ALA A 111 11.51 22.86 1.56
CA ALA A 111 11.86 23.93 2.50
C ALA A 111 11.49 23.57 3.93
N ARG A 112 10.28 23.09 4.14
CA ARG A 112 9.86 22.76 5.49
C ARG A 112 10.56 21.51 5.99
N MET A 113 10.78 20.53 5.12
CA MET A 113 11.49 19.33 5.54
C MET A 113 12.89 19.70 6.04
N SER A 114 13.62 20.47 5.26
CA SER A 114 14.97 20.86 5.65
C SER A 114 14.96 21.60 6.97
N LYS A 115 14.07 22.59 7.11
CA LYS A 115 14.01 23.37 8.33
C LYS A 115 13.72 22.51 9.56
N MET A 116 12.82 21.53 9.42
CA MET A 116 12.47 20.70 10.56
C MET A 116 13.57 19.70 10.90
N LEU A 117 14.29 19.18 9.91
CA LEU A 117 15.40 18.29 10.25
C LEU A 117 16.52 19.04 10.96
N HIS A 118 16.74 20.31 10.62
CA HIS A 118 17.68 21.10 11.40
C HIS A 118 17.18 21.32 12.82
N ALA A 119 15.88 21.62 12.99
CA ALA A 119 15.33 21.83 14.32
C ALA A 119 15.46 20.57 15.18
N PHE A 120 15.31 19.41 14.56
CA PHE A 120 15.48 18.11 15.22
C PHE A 120 16.94 17.75 15.45
N ASP A 121 17.89 18.48 14.87
CA ASP A 121 19.30 18.11 14.95
C ASP A 121 19.49 16.69 14.40
N TYR A 122 18.78 16.37 13.34
CA TYR A 122 18.69 14.98 12.87
C TYR A 122 19.81 14.66 11.87
N GLY A 123 20.74 13.79 12.28
CA GLY A 123 21.78 13.32 11.39
C GLY A 123 22.57 14.46 10.79
N ASN A 124 22.87 14.35 9.50
CA ASN A 124 23.58 15.41 8.82
C ASN A 124 22.63 16.46 8.28
N GLU A 125 21.32 16.34 8.54
CA GLU A 125 20.35 17.37 8.22
C GLU A 125 20.30 17.71 6.72
N ASP A 126 20.76 16.80 5.84
CA ASP A 126 20.94 17.11 4.42
C ASP A 126 19.89 16.35 3.63
N ILE A 127 18.97 17.07 3.00
CA ILE A 127 17.89 16.44 2.25
C ILE A 127 18.18 16.40 0.76
N SER A 128 19.43 16.63 0.36
CA SER A 128 19.76 16.67 -1.06
C SER A 128 19.27 15.39 -1.74
N GLY A 129 18.76 15.58 -2.95
CA GLY A 129 18.10 14.49 -3.65
C GLY A 129 16.64 14.83 -3.93
N ASN A 130 15.85 13.83 -4.29
CA ASN A 130 14.44 14.05 -4.55
C ASN A 130 13.68 14.13 -3.24
N VAL A 131 12.76 15.09 -3.16
CA VAL A 131 12.03 15.26 -1.90
C VAL A 131 11.29 13.99 -1.50
N ASP A 132 10.93 13.14 -2.47
CA ASP A 132 10.13 11.97 -2.14
C ASP A 132 10.97 10.70 -2.05
N SER A 133 12.30 10.81 -1.98
CA SER A 133 13.11 9.59 -1.81
C SER A 133 14.47 9.84 -1.17
N PHE A 134 14.75 11.06 -0.69
CA PHE A 134 16.11 11.35 -0.25
C PHE A 134 16.56 10.46 0.91
N TRP A 135 15.64 9.96 1.73
CA TRP A 135 16.03 9.08 2.82
C TRP A 135 16.38 7.69 2.35
N LEU A 136 16.14 7.37 1.07
CA LEU A 136 16.48 6.09 0.49
C LEU A 136 17.65 6.17 -0.46
N ASP A 137 17.81 7.29 -1.16
CA ASP A 137 18.92 7.38 -2.12
C ASP A 137 19.42 8.80 -2.28
N GLY A 138 19.19 9.67 -1.31
CA GLY A 138 19.66 11.04 -1.33
C GLY A 138 20.85 11.23 -0.41
N GLY A 139 21.02 12.46 0.07
CA GLY A 139 22.20 12.81 0.83
C GLY A 139 22.13 12.69 2.34
N ILE A 140 20.96 12.34 2.90
CA ILE A 140 20.81 12.32 4.34
C ILE A 140 21.53 11.11 4.92
N ARG A 141 22.20 11.30 6.05
CA ARG A 141 22.92 10.24 6.73
C ARG A 141 22.74 10.40 8.24
N ILE A 142 22.74 9.30 8.96
CA ILE A 142 22.62 9.35 10.41
C ILE A 142 23.35 8.15 10.98
N SER A 143 24.05 8.35 12.11
CA SER A 143 24.73 7.28 12.81
C SER A 143 23.85 6.69 13.92
N ALA A 144 24.26 5.51 14.41
CA ALA A 144 23.55 4.89 15.53
C ALA A 144 23.52 5.80 16.75
N THR A 145 24.65 6.47 17.06
CA THR A 145 24.64 7.36 18.23
C THR A 145 23.75 8.58 18.00
N GLU A 146 23.67 9.07 16.76
CA GLU A 146 22.76 10.17 16.43
C GLU A 146 21.31 9.73 16.49
N GLN A 147 21.02 8.46 16.17
CA GLN A 147 19.66 7.96 16.34
C GLN A 147 19.27 7.99 17.81
N ILE A 148 20.20 7.62 18.70
CA ILE A 148 19.91 7.62 20.13
C ILE A 148 19.58 9.04 20.59
N SER A 149 20.38 10.01 20.17
CA SER A 149 20.18 11.39 20.60
C SER A 149 18.78 11.87 20.20
N PHE A 150 18.39 11.59 18.96
CA PHE A 150 17.06 11.97 18.47
C PHE A 150 15.94 11.27 19.23
N LEU A 151 16.07 9.96 19.43
CA LEU A 151 15.03 9.19 20.11
C LEU A 151 14.85 9.65 21.55
N ARG A 152 15.96 10.02 22.22
CA ARG A 152 15.83 10.49 23.57
C ARG A 152 15.01 11.76 23.64
N LYS A 153 15.22 12.68 22.69
CA LYS A 153 14.39 13.87 22.68
C LYS A 153 12.92 13.51 22.47
N LEU A 154 12.66 12.61 21.53
CA LEU A 154 11.29 12.19 21.30
C LEU A 154 10.66 11.60 22.56
N TYR A 155 11.38 10.70 23.23
CA TYR A 155 10.84 10.08 24.43
C TYR A 155 10.42 11.12 25.45
N HIS A 156 11.22 12.18 25.61
CA HIS A 156 10.98 13.22 26.60
C HIS A 156 10.12 14.37 26.08
N ASN A 157 9.54 14.25 24.87
CA ASN A 157 8.73 15.30 24.26
C ASN A 157 9.48 16.61 24.07
N LYS A 158 10.79 16.52 23.83
CA LYS A 158 11.65 17.69 23.73
C LYS A 158 11.92 18.10 22.27
N LEU A 159 11.45 17.35 21.29
CA LEU A 159 11.61 17.82 19.93
C LEU A 159 10.75 19.05 19.70
N HIS A 160 11.16 19.86 18.71
CA HIS A 160 10.50 21.14 18.42
C HIS A 160 9.30 20.93 17.51
N VAL A 161 8.39 20.06 17.99
CA VAL A 161 7.05 19.92 17.46
C VAL A 161 6.14 19.78 18.68
N SER A 162 4.83 19.77 18.42
CA SER A 162 3.88 19.73 19.52
C SER A 162 4.00 18.44 20.33
N GLU A 163 3.58 18.50 21.60
CA GLU A 163 3.51 17.29 22.40
C GLU A 163 2.63 16.24 21.73
N ARG A 164 1.51 16.69 21.17
CA ARG A 164 0.56 15.77 20.53
C ARG A 164 1.23 15.00 19.38
N SER A 165 1.95 15.71 18.51
CA SER A 165 2.63 15.02 17.43
C SER A 165 3.56 13.95 17.96
N GLN A 166 4.29 14.26 19.04
CA GLN A 166 5.25 13.29 19.57
C GLN A 166 4.54 12.09 20.19
N ARG A 167 3.43 12.34 20.93
CA ARG A 167 2.67 11.23 21.51
C ARG A 167 2.11 10.32 20.42
N ILE A 168 1.62 10.91 19.34
CA ILE A 168 1.05 10.10 18.27
C ILE A 168 2.13 9.22 17.61
N VAL A 169 3.30 9.79 17.33
CA VAL A 169 4.34 8.99 16.68
C VAL A 169 4.83 7.89 17.61
N LYS A 170 4.95 8.19 18.93
CA LYS A 170 5.38 7.16 19.87
C LYS A 170 4.35 6.03 19.95
N GLN A 171 3.07 6.37 19.85
CA GLN A 171 2.04 5.34 19.70
C GLN A 171 2.28 4.54 18.43
N ALA A 172 2.51 5.23 17.32
CA ALA A 172 2.71 4.54 16.05
C ALA A 172 3.97 3.64 16.08
N MET A 173 4.94 3.97 16.94
CA MET A 173 6.15 3.14 17.07
C MET A 173 5.95 1.87 17.90
N LEU A 174 4.82 1.73 18.57
CA LEU A 174 4.62 0.56 19.41
C LEU A 174 4.86 -0.70 18.61
N THR A 175 5.76 -1.55 19.11
CA THR A 175 6.15 -2.77 18.42
C THR A 175 5.84 -4.03 19.21
N GLU A 176 6.07 -4.01 20.52
CA GLU A 176 5.87 -5.19 21.33
C GLU A 176 5.59 -4.75 22.76
N ALA A 177 4.68 -5.46 23.41
CA ALA A 177 4.39 -5.18 24.81
C ALA A 177 3.92 -6.45 25.48
N ASN A 178 4.36 -6.64 26.72
CA ASN A 178 3.91 -7.72 27.57
C ASN A 178 4.08 -7.24 29.01
N GLY A 179 3.92 -8.16 29.96
CA GLY A 179 4.04 -7.80 31.36
C GLY A 179 5.44 -7.41 31.78
N ASP A 180 6.44 -7.60 30.91
CA ASP A 180 7.83 -7.36 31.29
C ASP A 180 8.43 -6.13 30.63
N TYR A 181 7.99 -5.76 29.43
CA TYR A 181 8.58 -4.63 28.76
C TYR A 181 7.68 -4.17 27.61
N ILE A 182 7.94 -2.94 27.18
CA ILE A 182 7.35 -2.33 26.00
C ILE A 182 8.49 -1.92 25.10
N ILE A 183 8.38 -2.24 23.83
CA ILE A 183 9.34 -1.81 22.81
C ILE A 183 8.64 -0.89 21.82
N ARG A 184 9.17 0.33 21.70
CA ARG A 184 8.80 1.29 20.68
C ARG A 184 10.00 1.46 19.76
N ALA A 185 9.81 1.23 18.48
CA ALA A 185 10.96 1.11 17.58
C ALA A 185 10.52 1.23 16.13
N LYS A 186 11.52 1.35 15.25
CA LYS A 186 11.27 1.37 13.81
C LYS A 186 12.41 0.63 13.12
N THR A 187 12.05 -0.26 12.19
CA THR A 187 13.02 -0.95 11.36
C THR A 187 13.37 -0.11 10.14
N GLY A 188 14.51 -0.42 9.55
CA GLY A 188 14.94 0.18 8.31
C GLY A 188 15.72 -0.82 7.50
N TYR A 189 15.69 -0.63 6.18
CA TYR A 189 16.35 -1.51 5.22
C TYR A 189 16.82 -0.63 4.06
N SER A 190 18.11 -0.38 4.01
CA SER A 190 18.73 0.50 3.00
C SER A 190 19.40 -0.35 1.93
N THR A 191 18.92 -0.28 0.69
CA THR A 191 19.47 -1.09 -0.39
C THR A 191 19.97 -0.27 -1.57
N ARG A 192 19.62 1.01 -1.67
CA ARG A 192 19.92 1.76 -2.89
C ARG A 192 21.35 2.26 -2.95
N ILE A 193 22.02 2.43 -1.82
CA ILE A 193 23.41 2.87 -1.79
C ILE A 193 24.18 1.89 -0.90
N GLU A 194 25.38 1.54 -1.34
CA GLU A 194 26.21 0.63 -0.57
C GLU A 194 26.80 1.33 0.64
N PRO A 195 27.05 0.59 1.73
CA PRO A 195 26.75 -0.84 1.90
C PRO A 195 25.26 -1.02 2.28
N LYS A 196 24.60 -2.05 1.76
CA LYS A 196 23.23 -2.34 2.16
C LYS A 196 23.21 -2.73 3.63
N ILE A 197 22.29 -2.12 4.39
CA ILE A 197 22.22 -2.32 5.82
C ILE A 197 20.77 -2.47 6.27
N GLY A 198 20.63 -3.08 7.42
CA GLY A 198 19.38 -3.11 8.14
C GLY A 198 19.54 -2.29 9.42
N TRP A 199 18.46 -1.65 9.84
CA TRP A 199 18.40 -0.82 11.04
C TRP A 199 17.33 -1.37 11.98
N TRP A 200 17.53 -1.20 13.29
CA TRP A 200 16.42 -1.22 14.24
C TRP A 200 16.75 -0.20 15.32
N VAL A 201 15.89 0.80 15.50
CA VAL A 201 16.14 1.85 16.47
C VAL A 201 14.89 2.04 17.32
N GLY A 202 15.08 2.38 18.59
CA GLY A 202 13.93 2.54 19.46
C GLY A 202 14.36 2.52 20.92
N TRP A 203 13.45 2.04 21.76
CA TRP A 203 13.76 1.90 23.18
C TRP A 203 12.92 0.82 23.81
N VAL A 204 13.38 0.36 24.96
CA VAL A 204 12.69 -0.63 25.77
C VAL A 204 12.26 0.05 27.04
N GLU A 205 10.94 0.08 27.29
CA GLU A 205 10.41 0.64 28.53
C GLU A 205 10.26 -0.48 29.56
N LEU A 206 10.87 -0.27 30.72
CA LEU A 206 10.74 -1.10 31.91
C LEU A 206 9.99 -0.33 32.99
N ASP A 207 9.62 -1.05 34.05
CA ASP A 207 8.93 -0.44 35.18
C ASP A 207 9.67 0.79 35.70
N ASP A 208 11.01 0.72 35.78
CA ASP A 208 11.79 1.74 36.48
C ASP A 208 12.98 2.25 35.68
N ASN A 209 13.01 2.03 34.38
CA ASN A 209 14.10 2.51 33.54
C ASN A 209 13.68 2.43 32.08
N VAL A 210 14.43 3.09 31.21
N VAL A 210 14.44 3.12 31.22
CA VAL A 210 14.23 2.96 29.77
CA VAL A 210 14.29 3.06 29.78
C VAL A 210 15.60 2.84 29.11
C VAL A 210 15.66 2.79 29.17
N TRP A 211 15.73 1.87 28.21
CA TRP A 211 16.97 1.56 27.50
C TRP A 211 16.75 1.90 26.03
N PHE A 212 17.45 2.93 25.55
CA PHE A 212 17.41 3.24 24.13
C PHE A 212 18.38 2.35 23.38
N PHE A 213 18.04 2.04 22.13
CA PHE A 213 18.94 1.22 21.33
C PHE A 213 18.88 1.68 19.88
N ALA A 214 20.01 1.45 19.19
CA ALA A 214 20.11 1.68 17.76
C ALA A 214 21.12 0.66 17.25
N MET A 215 20.71 -0.11 16.27
CA MET A 215 21.59 -1.10 15.68
C MET A 215 21.49 -0.98 14.17
N ASN A 216 22.61 -1.18 13.51
CA ASN A 216 22.60 -1.46 12.08
C ASN A 216 23.58 -2.58 11.82
N MET A 217 23.35 -3.26 10.71
CA MET A 217 24.15 -4.41 10.34
C MET A 217 24.15 -4.52 8.83
N ASP A 218 25.24 -5.07 8.30
CA ASP A 218 25.29 -5.35 6.87
C ASP A 218 24.16 -6.32 6.51
N MET A 219 23.54 -6.07 5.37
CA MET A 219 22.35 -6.80 4.93
C MET A 219 22.47 -7.03 3.43
N PRO A 220 23.39 -7.92 3.03
CA PRO A 220 23.59 -8.15 1.58
C PRO A 220 22.37 -8.72 0.87
N THR A 221 21.51 -9.44 1.58
CA THR A 221 20.25 -9.91 1.00
C THR A 221 19.14 -9.75 2.04
N SER A 222 17.90 -9.82 1.56
CA SER A 222 16.75 -9.69 2.45
C SER A 222 16.59 -10.89 3.38
N ASP A 223 17.31 -11.98 3.15
CA ASP A 223 17.16 -13.19 3.95
C ASP A 223 17.52 -12.95 5.41
N GLY A 224 18.37 -11.96 5.69
CA GLY A 224 18.81 -11.72 7.04
C GLY A 224 18.03 -10.68 7.82
N LEU A 225 16.89 -10.20 7.31
CA LEU A 225 16.24 -9.06 7.93
C LEU A 225 15.81 -9.34 9.37
N GLY A 226 15.41 -10.58 9.66
CA GLY A 226 15.01 -10.93 11.01
C GLY A 226 16.13 -10.82 12.02
N LEU A 227 17.38 -10.76 11.57
CA LEU A 227 18.48 -10.64 12.50
C LEU A 227 18.52 -9.27 13.16
N ARG A 228 17.92 -8.25 12.55
CA ARG A 228 17.92 -6.94 13.18
C ARG A 228 17.33 -7.01 14.58
N GLN A 229 16.14 -7.61 14.72
CA GLN A 229 15.52 -7.77 16.03
C GLN A 229 16.18 -8.88 16.84
N ALA A 230 16.53 -9.99 16.18
CA ALA A 230 17.06 -11.13 16.92
C ALA A 230 18.37 -10.79 17.60
N ILE A 231 19.28 -10.15 16.90
CA ILE A 231 20.58 -9.82 17.49
C ILE A 231 20.41 -8.80 18.60
N THR A 232 19.61 -7.77 18.36
CA THR A 232 19.33 -6.79 19.40
C THR A 232 18.79 -7.46 20.65
N LYS A 233 17.83 -8.37 20.49
CA LYS A 233 17.22 -9.01 21.64
C LYS A 233 18.23 -9.91 22.37
N GLU A 234 19.14 -10.56 21.63
CA GLU A 234 20.18 -11.35 22.30
C GLU A 234 21.08 -10.46 23.15
N VAL A 235 21.40 -9.26 22.67
CA VAL A 235 22.16 -8.30 23.48
C VAL A 235 21.33 -7.89 24.70
N LEU A 236 20.06 -7.57 24.48
CA LEU A 236 19.19 -7.17 25.58
C LEU A 236 19.04 -8.28 26.61
N LYS A 237 18.89 -9.53 26.15
CA LYS A 237 18.86 -10.65 27.08
C LYS A 237 20.18 -10.79 27.82
N GLN A 238 21.30 -10.72 27.09
CA GLN A 238 22.60 -10.87 27.74
C GLN A 238 22.78 -9.85 28.84
N GLU A 239 22.33 -8.62 28.63
CA GLU A 239 22.48 -7.54 29.60
C GLU A 239 21.36 -7.55 30.64
N LYS A 240 20.52 -8.58 30.64
CA LYS A 240 19.48 -8.73 31.66
C LYS A 240 18.47 -7.58 31.61
N ILE A 241 18.30 -7.00 30.42
CA ILE A 241 17.33 -5.94 30.23
C ILE A 241 15.94 -6.52 29.99
N ILE A 242 15.87 -7.61 29.23
CA ILE A 242 14.63 -8.35 29.02
C ILE A 242 14.91 -9.79 29.44
N PRO A 243 13.89 -10.57 29.84
CA PRO A 243 14.11 -11.97 30.23
C PRO A 243 14.55 -12.84 29.08
N GLU B 2 -4.83 -1.66 -40.68
CA GLU B 2 -5.68 -2.39 -39.76
C GLU B 2 -6.28 -1.45 -38.71
N TRP B 3 -5.55 -0.38 -38.40
CA TRP B 3 -6.00 0.66 -37.49
C TRP B 3 -5.77 2.01 -38.13
N GLN B 4 -6.85 2.79 -38.28
CA GLN B 4 -6.81 4.13 -38.84
C GLN B 4 -7.23 5.15 -37.79
N GLU B 5 -6.50 6.25 -37.74
CA GLU B 5 -6.79 7.36 -36.85
C GLU B 5 -7.60 8.40 -37.60
N ASN B 6 -8.74 8.80 -37.04
CA ASN B 6 -9.63 9.78 -37.66
C ASN B 6 -9.79 10.92 -36.65
N LYS B 7 -8.93 11.92 -36.77
CA LYS B 7 -8.92 13.04 -35.83
C LYS B 7 -10.15 13.94 -35.97
N SER B 8 -10.92 13.81 -37.05
CA SER B 8 -12.13 14.62 -37.19
C SER B 8 -13.12 14.33 -36.06
N TRP B 9 -13.04 13.15 -35.45
CA TRP B 9 -13.93 12.84 -34.33
C TRP B 9 -13.64 13.69 -33.10
N ASN B 10 -12.43 14.23 -32.99
CA ASN B 10 -12.10 15.08 -31.86
C ASN B 10 -13.08 16.24 -31.71
N ALA B 11 -13.69 16.66 -32.82
CA ALA B 11 -14.68 17.74 -32.75
C ALA B 11 -15.85 17.36 -31.84
N HIS B 12 -16.22 16.08 -31.81
CA HIS B 12 -17.31 15.66 -30.95
C HIS B 12 -16.93 15.75 -29.48
N PHE B 13 -15.64 15.67 -29.17
CA PHE B 13 -15.19 15.88 -27.80
C PHE B 13 -15.06 17.36 -27.50
N THR B 14 -14.35 18.10 -28.37
CA THR B 14 -14.16 19.53 -28.15
C THR B 14 -15.49 20.28 -28.05
N GLU B 15 -16.49 19.85 -28.81
CA GLU B 15 -17.77 20.55 -28.81
C GLU B 15 -18.39 20.57 -27.43
N HIS B 16 -18.10 19.56 -26.60
CA HIS B 16 -18.63 19.46 -25.25
C HIS B 16 -17.56 19.72 -24.18
N LYS B 17 -16.46 20.39 -24.55
CA LYS B 17 -15.38 20.67 -23.60
C LYS B 17 -14.93 19.38 -22.89
N SER B 18 -14.77 18.32 -23.67
CA SER B 18 -14.45 17.00 -23.15
C SER B 18 -13.15 16.48 -23.77
N GLN B 19 -12.62 15.42 -23.15
CA GLN B 19 -11.44 14.72 -23.66
C GLN B 19 -11.67 13.22 -23.52
N GLY B 20 -11.29 12.47 -24.55
CA GLY B 20 -11.47 11.03 -24.46
C GLY B 20 -11.13 10.35 -25.77
N VAL B 21 -11.56 9.09 -25.86
CA VAL B 21 -11.29 8.28 -27.03
C VAL B 21 -12.54 7.49 -27.40
N VAL B 22 -12.73 7.29 -28.69
N VAL B 22 -12.77 7.36 -28.70
CA VAL B 22 -13.77 6.43 -29.24
CA VAL B 22 -13.75 6.44 -29.25
C VAL B 22 -13.10 5.49 -30.22
C VAL B 22 -12.99 5.49 -30.16
N VAL B 23 -13.17 4.19 -29.93
CA VAL B 23 -12.59 3.16 -30.77
C VAL B 23 -13.73 2.38 -31.42
N LEU B 24 -13.67 2.20 -32.74
CA LEU B 24 -14.65 1.40 -33.47
C LEU B 24 -13.94 0.24 -34.15
N TRP B 25 -14.63 -0.90 -34.24
CA TRP B 25 -14.14 -2.07 -34.96
C TRP B 25 -15.25 -2.58 -35.88
N ASN B 26 -14.95 -2.57 -37.19
CA ASN B 26 -15.82 -3.10 -38.22
C ASN B 26 -15.56 -4.60 -38.34
N GLU B 27 -16.53 -5.41 -37.90
CA GLU B 27 -16.28 -6.84 -37.83
C GLU B 27 -16.12 -7.45 -39.21
N ASN B 28 -16.96 -7.05 -40.16
CA ASN B 28 -16.88 -7.62 -41.50
C ASN B 28 -15.52 -7.37 -42.12
N LYS B 29 -15.02 -6.15 -41.98
CA LYS B 29 -13.79 -5.75 -42.64
C LYS B 29 -12.55 -5.98 -41.80
N GLN B 30 -12.70 -6.29 -40.51
CA GLN B 30 -11.58 -6.48 -39.59
C GLN B 30 -10.66 -5.26 -39.58
N GLN B 31 -11.27 -4.10 -39.41
CA GLN B 31 -10.59 -2.81 -39.42
C GLN B 31 -11.06 -1.99 -38.24
N GLY B 32 -10.13 -1.28 -37.61
CA GLY B 32 -10.43 -0.43 -36.47
C GLY B 32 -10.21 1.04 -36.79
N PHE B 33 -10.91 1.89 -36.07
CA PHE B 33 -10.86 3.33 -36.26
C PHE B 33 -10.92 4.01 -34.89
N THR B 34 -10.15 5.07 -34.72
CA THR B 34 -10.18 5.81 -33.45
C THR B 34 -9.69 7.23 -33.69
N ASN B 35 -10.09 8.13 -32.79
CA ASN B 35 -9.62 9.51 -32.87
C ASN B 35 -8.25 9.68 -32.24
N ASN B 36 -7.79 8.71 -31.46
CA ASN B 36 -6.56 8.87 -30.67
C ASN B 36 -5.95 7.48 -30.48
N LEU B 37 -4.99 7.13 -31.33
CA LEU B 37 -4.41 5.80 -31.31
C LEU B 37 -3.78 5.50 -29.96
N LYS B 38 -3.13 6.49 -29.37
CA LYS B 38 -2.43 6.25 -28.10
C LYS B 38 -3.43 6.06 -26.96
N ARG B 39 -4.41 6.95 -26.83
CA ARG B 39 -5.36 6.75 -25.75
C ARG B 39 -6.18 5.49 -25.96
N ALA B 40 -6.38 5.08 -27.22
CA ALA B 40 -7.08 3.84 -27.49
C ALA B 40 -6.43 2.65 -26.81
N ASN B 41 -5.12 2.72 -26.58
CA ASN B 41 -4.35 1.64 -25.96
C ASN B 41 -3.93 1.97 -24.54
N GLN B 42 -4.40 3.08 -23.96
CA GLN B 42 -4.13 3.38 -22.58
C GLN B 42 -5.07 2.59 -21.68
N ALA B 43 -4.52 1.96 -20.65
CA ALA B 43 -5.29 1.03 -19.83
C ALA B 43 -5.79 1.72 -18.57
N PHE B 44 -7.10 1.64 -18.34
CA PHE B 44 -7.73 2.26 -17.18
C PHE B 44 -8.45 1.21 -16.34
N LEU B 45 -8.78 1.58 -15.10
CA LEU B 45 -9.71 0.79 -14.33
C LEU B 45 -10.98 0.59 -15.15
N PRO B 46 -11.53 -0.62 -15.21
CA PRO B 46 -12.77 -0.84 -15.99
C PRO B 46 -14.02 -0.31 -15.35
N ALA B 47 -14.01 -0.11 -14.03
CA ALA B 47 -15.19 0.24 -13.25
C ALA B 47 -16.34 -0.67 -13.65
N SER B 48 -17.55 -0.13 -13.80
CA SER B 48 -18.72 -0.99 -13.99
C SER B 48 -18.73 -1.73 -15.33
N THR B 49 -17.79 -1.44 -16.26
CA THR B 49 -17.69 -2.31 -17.42
C THR B 49 -17.28 -3.70 -17.01
N PHE B 50 -16.75 -3.86 -15.80
CA PHE B 50 -16.34 -5.16 -15.29
C PHE B 50 -17.53 -6.06 -14.98
N KCX B 51 -18.72 -5.47 -14.94
CA KCX B 51 -19.89 -6.29 -14.69
CB KCX B 51 -21.14 -5.41 -14.50
CG KCX B 51 -21.10 -4.65 -13.14
CD KCX B 51 -22.40 -3.92 -12.79
CE KCX B 51 -22.28 -3.33 -11.36
NZ KCX B 51 -21.22 -2.32 -11.28
C KCX B 51 -20.11 -7.34 -15.79
O KCX B 51 -20.74 -8.36 -15.55
CX KCX B 51 -20.06 -2.60 -10.68
OQ1 KCX B 51 -19.17 -1.73 -10.62
OQ2 KCX B 51 -19.86 -3.72 -10.16
N ILE B 52 -19.56 -7.10 -16.99
CA ILE B 52 -19.64 -8.09 -18.07
C ILE B 52 -18.85 -9.37 -17.70
N PRO B 53 -17.54 -9.30 -17.49
CA PRO B 53 -16.82 -10.52 -17.07
C PRO B 53 -17.34 -11.07 -15.74
N ASN B 54 -17.66 -10.19 -14.79
CA ASN B 54 -18.16 -10.63 -13.50
C ASN B 54 -19.45 -11.46 -13.66
N SER B 55 -20.39 -10.98 -14.49
CA SER B 55 -21.63 -11.74 -14.74
C SER B 55 -21.33 -13.10 -15.36
N LEU B 56 -20.43 -13.15 -16.35
CA LEU B 56 -20.10 -14.41 -16.99
C LEU B 56 -19.57 -15.43 -15.99
N ILE B 57 -18.66 -15.01 -15.11
CA ILE B 57 -18.07 -15.93 -14.15
C ILE B 57 -19.10 -16.37 -13.13
N ALA B 58 -19.91 -15.44 -12.64
CA ALA B 58 -20.92 -15.81 -11.67
C ALA B 58 -21.91 -16.79 -12.26
N LEU B 59 -22.28 -16.59 -13.52
CA LEU B 59 -23.22 -17.52 -14.16
C LEU B 59 -22.57 -18.89 -14.35
N ASP B 60 -21.34 -18.91 -14.87
CA ASP B 60 -20.72 -20.19 -15.18
C ASP B 60 -20.42 -20.98 -13.92
N LEU B 61 -20.17 -20.32 -12.80
CA LEU B 61 -19.89 -20.99 -11.54
C LEU B 61 -21.14 -21.30 -10.72
N GLY B 62 -22.32 -20.90 -11.19
CA GLY B 62 -23.54 -21.15 -10.46
C GLY B 62 -23.82 -20.18 -9.34
N VAL B 63 -22.99 -19.15 -9.16
CA VAL B 63 -23.30 -18.11 -8.19
C VAL B 63 -24.63 -17.44 -8.55
N VAL B 64 -24.87 -17.25 -9.84
CA VAL B 64 -26.15 -16.81 -10.36
C VAL B 64 -26.75 -17.97 -11.15
N LYS B 65 -27.99 -18.37 -10.80
CA LYS B 65 -28.62 -19.50 -11.48
C LYS B 65 -29.18 -19.10 -12.84
N ASP B 66 -29.82 -17.93 -12.92
CA ASP B 66 -30.34 -17.46 -14.20
C ASP B 66 -30.64 -15.98 -14.03
N GLU B 67 -31.21 -15.38 -15.09
CA GLU B 67 -31.46 -13.95 -15.16
C GLU B 67 -32.69 -13.54 -14.36
N HIS B 68 -33.41 -14.49 -13.76
CA HIS B 68 -34.56 -14.19 -12.93
C HIS B 68 -34.25 -14.24 -11.44
N GLN B 69 -33.13 -14.85 -11.05
CA GLN B 69 -32.82 -14.97 -9.64
C GLN B 69 -32.78 -13.59 -9.00
N VAL B 70 -33.48 -13.46 -7.88
CA VAL B 70 -33.64 -12.17 -7.22
C VAL B 70 -32.54 -12.04 -6.18
N PHE B 71 -31.81 -10.96 -6.24
CA PHE B 71 -30.81 -10.62 -5.22
C PHE B 71 -31.41 -9.53 -4.34
N LYS B 72 -31.77 -9.89 -3.11
CA LYS B 72 -32.49 -9.00 -2.23
C LYS B 72 -31.61 -7.84 -1.77
N TRP B 73 -32.19 -6.65 -1.74
CA TRP B 73 -31.53 -5.50 -1.12
C TRP B 73 -31.16 -5.86 0.31
N ASP B 74 -29.92 -5.53 0.69
CA ASP B 74 -29.42 -5.84 2.02
C ASP B 74 -29.90 -4.84 3.08
N GLY B 75 -30.74 -3.87 2.71
CA GLY B 75 -31.28 -2.93 3.67
C GLY B 75 -30.39 -1.75 4.00
N GLN B 76 -29.20 -1.67 3.41
CA GLN B 76 -28.29 -0.56 3.65
C GLN B 76 -28.60 0.53 2.64
N THR B 77 -29.10 1.68 3.10
CA THR B 77 -29.42 2.78 2.19
C THR B 77 -28.12 3.38 1.65
N ARG B 78 -27.97 3.34 0.34
CA ARG B 78 -26.79 3.87 -0.35
C ARG B 78 -27.14 5.11 -1.16
N ASP B 79 -26.10 5.77 -1.66
CA ASP B 79 -26.26 7.08 -2.29
C ASP B 79 -27.02 7.00 -3.61
N ILE B 80 -27.10 5.82 -4.20
CA ILE B 80 -27.77 5.61 -5.47
C ILE B 80 -29.13 4.98 -5.18
N ALA B 81 -30.20 5.73 -5.43
CA ALA B 81 -31.53 5.29 -5.05
C ALA B 81 -31.87 3.94 -5.69
N THR B 82 -31.53 3.77 -6.98
CA THR B 82 -31.92 2.56 -7.68
C THR B 82 -31.20 1.31 -7.15
N TRP B 83 -30.18 1.48 -6.32
CA TRP B 83 -29.50 0.36 -5.67
C TRP B 83 -30.24 -0.15 -4.45
N ASN B 84 -31.16 0.65 -3.91
CA ASN B 84 -31.83 0.32 -2.65
C ASN B 84 -33.14 -0.42 -2.92
N ARG B 85 -33.02 -1.53 -3.62
N ARG B 85 -33.03 -1.54 -3.62
CA ARG B 85 -34.18 -2.34 -3.99
CA ARG B 85 -34.19 -2.36 -3.94
C ARG B 85 -33.71 -3.71 -4.45
C ARG B 85 -33.71 -3.71 -4.44
N ASP B 86 -34.66 -4.61 -4.65
CA ASP B 86 -34.33 -5.94 -5.12
C ASP B 86 -33.97 -5.89 -6.59
N HIS B 87 -33.08 -6.79 -6.99
CA HIS B 87 -32.59 -6.81 -8.36
C HIS B 87 -32.42 -8.24 -8.85
N ASN B 88 -32.52 -8.39 -10.17
CA ASN B 88 -32.05 -9.58 -10.85
C ASN B 88 -30.85 -9.20 -11.72
N LEU B 89 -30.35 -10.15 -12.50
CA LEU B 89 -29.15 -9.89 -13.30
C LEU B 89 -29.38 -8.76 -14.30
N ILE B 90 -30.56 -8.73 -14.90
CA ILE B 90 -30.89 -7.74 -15.91
C ILE B 90 -30.91 -6.34 -15.30
N THR B 91 -31.65 -6.18 -14.20
CA THR B 91 -31.78 -4.85 -13.59
C THR B 91 -30.50 -4.44 -12.88
N ALA B 92 -29.73 -5.40 -12.35
CA ALA B 92 -28.45 -5.07 -11.72
C ALA B 92 -27.46 -4.51 -12.74
N MET B 93 -27.44 -5.06 -13.95
N MET B 93 -27.41 -5.11 -13.94
CA MET B 93 -26.55 -4.50 -14.97
CA MET B 93 -26.59 -4.55 -15.02
C MET B 93 -27.07 -3.17 -15.47
C MET B 93 -27.09 -3.16 -15.41
N LYS B 94 -28.39 -3.08 -15.69
CA LYS B 94 -29.00 -1.83 -16.16
C LYS B 94 -28.67 -0.66 -15.25
N TYR B 95 -28.72 -0.88 -13.94
CA TYR B 95 -28.49 0.19 -12.97
C TYR B 95 -27.11 0.15 -12.35
N SER B 96 -26.19 -0.65 -12.90
CA SER B 96 -24.82 -0.76 -12.40
C SER B 96 -24.78 -0.91 -10.88
N VAL B 97 -25.53 -1.90 -10.38
CA VAL B 97 -25.71 -2.05 -8.93
C VAL B 97 -24.48 -2.73 -8.30
N VAL B 98 -23.53 -1.91 -7.87
CA VAL B 98 -22.27 -2.44 -7.32
C VAL B 98 -22.52 -3.45 -6.19
N PRO B 99 -23.37 -3.18 -5.20
CA PRO B 99 -23.46 -4.11 -4.06
C PRO B 99 -23.82 -5.53 -4.45
N VAL B 100 -24.67 -5.72 -5.47
CA VAL B 100 -24.99 -7.08 -5.90
C VAL B 100 -23.76 -7.77 -6.48
N TYR B 101 -23.00 -7.06 -7.32
CA TYR B 101 -21.82 -7.65 -7.95
C TYR B 101 -20.68 -7.83 -6.97
N GLN B 102 -20.64 -7.02 -5.90
CA GLN B 102 -19.65 -7.26 -4.85
C GLN B 102 -19.93 -8.58 -4.16
N GLU B 103 -21.21 -8.89 -3.95
CA GLU B 103 -21.57 -10.19 -3.39
C GLU B 103 -21.20 -11.32 -4.34
N PHE B 104 -21.45 -11.15 -5.65
CA PHE B 104 -20.94 -12.09 -6.64
C PHE B 104 -19.45 -12.34 -6.46
N ALA B 105 -18.68 -11.26 -6.41
CA ALA B 105 -17.22 -11.39 -6.34
C ALA B 105 -16.80 -12.15 -5.09
N ARG B 106 -17.42 -11.86 -3.95
CA ARG B 106 -17.06 -12.59 -2.74
C ARG B 106 -17.33 -14.08 -2.89
N GLN B 107 -18.46 -14.44 -3.52
CA GLN B 107 -18.77 -15.86 -3.70
C GLN B 107 -17.87 -16.49 -4.76
N ILE B 108 -17.50 -15.74 -5.79
CA ILE B 108 -16.53 -16.27 -6.77
C ILE B 108 -15.21 -16.56 -6.08
N GLY B 109 -14.70 -15.59 -5.34
CA GLY B 109 -13.45 -15.75 -4.63
C GLY B 109 -12.24 -15.37 -5.49
N GLU B 110 -11.17 -15.01 -4.79
CA GLU B 110 -9.98 -14.49 -5.44
C GLU B 110 -9.40 -15.48 -6.44
N ALA B 111 -9.25 -16.75 -6.03
CA ALA B 111 -8.56 -17.72 -6.87
C ALA B 111 -9.28 -17.94 -8.20
N ARG B 112 -10.59 -18.17 -8.14
CA ARG B 112 -11.33 -18.42 -9.38
C ARG B 112 -11.45 -17.15 -10.21
N MET B 113 -11.61 -16.00 -9.55
CA MET B 113 -11.66 -14.75 -10.29
C MET B 113 -10.40 -14.56 -11.13
N SER B 114 -9.23 -14.72 -10.50
CA SER B 114 -7.97 -14.52 -11.19
C SER B 114 -7.81 -15.49 -12.35
N LYS B 115 -8.05 -16.78 -12.11
CA LYS B 115 -7.88 -17.76 -13.19
C LYS B 115 -8.84 -17.51 -14.34
N MET B 116 -10.06 -17.05 -14.06
CA MET B 116 -11.01 -16.80 -15.14
C MET B 116 -10.59 -15.57 -15.96
N LEU B 117 -10.09 -14.54 -15.29
CA LEU B 117 -9.64 -13.38 -16.05
C LEU B 117 -8.43 -13.74 -16.90
N HIS B 118 -7.57 -14.64 -16.42
N HIS B 118 -7.56 -14.62 -16.40
CA HIS B 118 -6.48 -15.10 -17.28
CA HIS B 118 -6.47 -15.15 -17.22
C HIS B 118 -7.03 -15.85 -18.47
C HIS B 118 -7.03 -15.85 -18.45
N ALA B 119 -8.06 -16.69 -18.26
CA ALA B 119 -8.66 -17.41 -19.37
C ALA B 119 -9.34 -16.45 -20.36
N PHE B 120 -9.93 -15.36 -19.86
CA PHE B 120 -10.53 -14.35 -20.73
C PHE B 120 -9.50 -13.46 -21.41
N ASP B 121 -8.22 -13.54 -21.02
CA ASP B 121 -7.18 -12.65 -21.55
C ASP B 121 -7.57 -11.19 -21.33
N TYR B 122 -8.14 -10.91 -20.15
CA TYR B 122 -8.80 -9.65 -19.87
C TYR B 122 -7.80 -8.63 -19.31
N GLY B 123 -7.52 -7.59 -20.09
CA GLY B 123 -6.69 -6.48 -19.61
C GLY B 123 -5.34 -6.96 -19.11
N ASN B 124 -4.90 -6.38 -17.98
CA ASN B 124 -3.65 -6.81 -17.39
C ASN B 124 -3.83 -7.99 -16.44
N GLU B 125 -5.05 -8.52 -16.34
CA GLU B 125 -5.35 -9.76 -15.61
C GLU B 125 -4.97 -9.67 -14.13
N ASP B 126 -4.91 -8.46 -13.58
CA ASP B 126 -4.44 -8.24 -12.23
C ASP B 126 -5.62 -7.85 -11.35
N ILE B 127 -5.93 -8.68 -10.36
CA ILE B 127 -7.05 -8.42 -9.46
C ILE B 127 -6.56 -7.92 -8.10
N SER B 128 -5.32 -7.44 -8.02
CA SER B 128 -4.81 -6.94 -6.75
C SER B 128 -5.79 -5.93 -6.15
N GLY B 129 -5.96 -6.02 -4.83
CA GLY B 129 -6.93 -5.22 -4.10
C GLY B 129 -7.97 -6.11 -3.44
N ASN B 130 -9.09 -5.52 -3.03
CA ASN B 130 -10.15 -6.30 -2.43
C ASN B 130 -10.85 -7.10 -3.52
N VAL B 131 -11.15 -8.37 -3.23
CA VAL B 131 -11.82 -9.21 -4.22
C VAL B 131 -13.13 -8.57 -4.65
N ASP B 132 -13.74 -7.77 -3.78
CA ASP B 132 -15.03 -7.15 -4.08
C ASP B 132 -14.92 -5.66 -4.41
N SER B 133 -13.74 -5.18 -4.81
CA SER B 133 -13.66 -3.80 -5.27
C SER B 133 -12.51 -3.54 -6.24
N PHE B 134 -11.76 -4.55 -6.65
CA PHE B 134 -10.55 -4.30 -7.43
C PHE B 134 -10.84 -3.65 -8.78
N TRP B 135 -12.04 -3.86 -9.35
CA TRP B 135 -12.37 -3.22 -10.62
C TRP B 135 -12.72 -1.74 -10.48
N LEU B 136 -12.85 -1.24 -9.24
CA LEU B 136 -13.14 0.17 -8.95
C LEU B 136 -11.96 0.91 -8.34
N ASP B 137 -11.12 0.22 -7.56
CA ASP B 137 -10.00 0.91 -6.93
C ASP B 137 -8.80 -0.01 -6.71
N GLY B 138 -8.71 -1.11 -7.42
CA GLY B 138 -7.61 -2.05 -7.34
C GLY B 138 -6.68 -1.94 -8.53
N GLY B 139 -6.02 -3.05 -8.84
CA GLY B 139 -4.93 -3.02 -9.80
C GLY B 139 -5.26 -3.38 -11.23
N ILE B 140 -6.50 -3.75 -11.53
CA ILE B 140 -6.86 -4.23 -12.86
C ILE B 140 -6.93 -3.06 -13.83
N ARG B 141 -6.41 -3.24 -15.03
CA ARG B 141 -6.42 -2.18 -16.02
C ARG B 141 -6.76 -2.81 -17.36
N ILE B 142 -7.50 -2.06 -18.18
CA ILE B 142 -7.89 -2.53 -19.51
C ILE B 142 -8.02 -1.33 -20.42
N SER B 143 -7.53 -1.47 -21.65
CA SER B 143 -7.66 -0.38 -22.60
C SER B 143 -8.93 -0.55 -23.43
N ALA B 144 -9.27 0.51 -24.15
CA ALA B 144 -10.41 0.45 -25.07
C ALA B 144 -10.24 -0.64 -26.12
N THR B 145 -9.06 -0.77 -26.73
CA THR B 145 -8.88 -1.82 -27.72
C THR B 145 -8.96 -3.20 -27.08
N GLU B 146 -8.48 -3.33 -25.84
CA GLU B 146 -8.59 -4.60 -25.12
C GLU B 146 -10.05 -4.91 -24.75
N GLN B 147 -10.87 -3.88 -24.51
CA GLN B 147 -12.30 -4.10 -24.31
C GLN B 147 -12.93 -4.67 -25.58
N ILE B 148 -12.55 -4.12 -26.73
CA ILE B 148 -13.11 -4.65 -27.98
C ILE B 148 -12.70 -6.10 -28.19
N SER B 149 -11.42 -6.42 -27.96
CA SER B 149 -10.96 -7.80 -28.14
C SER B 149 -11.78 -8.77 -27.30
N PHE B 150 -12.01 -8.42 -26.03
CA PHE B 150 -12.84 -9.24 -25.15
C PHE B 150 -14.27 -9.35 -25.64
N LEU B 151 -14.87 -8.22 -26.03
CA LEU B 151 -16.26 -8.22 -26.46
C LEU B 151 -16.43 -9.06 -27.72
N ARG B 152 -15.45 -9.03 -28.63
CA ARG B 152 -15.57 -9.85 -29.83
C ARG B 152 -15.65 -11.33 -29.48
N LYS B 153 -14.84 -11.78 -28.51
CA LYS B 153 -14.96 -13.17 -28.10
C LYS B 153 -16.35 -13.46 -27.55
N LEU B 154 -16.87 -12.55 -26.73
CA LEU B 154 -18.19 -12.74 -26.17
C LEU B 154 -19.23 -12.82 -27.27
N TYR B 155 -19.16 -11.92 -28.26
CA TYR B 155 -20.14 -11.91 -29.34
C TYR B 155 -20.15 -13.25 -30.04
N HIS B 156 -18.98 -13.84 -30.24
CA HIS B 156 -18.86 -15.09 -30.97
C HIS B 156 -18.95 -16.32 -30.10
N ASN B 157 -19.29 -16.16 -28.80
CA ASN B 157 -19.39 -17.25 -27.84
C ASN B 157 -18.07 -18.00 -27.68
N LYS B 158 -16.96 -17.28 -27.80
CA LYS B 158 -15.63 -17.86 -27.77
C LYS B 158 -14.96 -17.76 -26.40
N LEU B 159 -15.59 -17.12 -25.41
CA LEU B 159 -15.01 -17.11 -24.08
C LEU B 159 -15.08 -18.49 -23.44
N HIS B 160 -14.17 -18.73 -22.48
CA HIS B 160 -14.04 -20.05 -21.85
C HIS B 160 -15.02 -20.18 -20.69
N VAL B 161 -16.30 -19.95 -21.02
CA VAL B 161 -17.44 -20.31 -20.19
C VAL B 161 -18.48 -20.90 -21.14
N SER B 162 -19.58 -21.39 -20.56
CA SER B 162 -20.60 -22.07 -21.37
C SER B 162 -21.24 -21.10 -22.36
N GLU B 163 -21.77 -21.67 -23.44
CA GLU B 163 -22.57 -20.88 -24.35
C GLU B 163 -23.73 -20.21 -23.60
N ARG B 164 -24.35 -20.95 -22.69
CA ARG B 164 -25.49 -20.42 -21.95
C ARG B 164 -25.11 -19.15 -21.19
N SER B 165 -24.01 -19.19 -20.43
CA SER B 165 -23.59 -18.01 -19.67
C SER B 165 -23.42 -16.82 -20.60
N GLN B 166 -22.80 -17.05 -21.77
CA GLN B 166 -22.54 -15.95 -22.69
C GLN B 166 -23.83 -15.40 -23.27
N ARG B 167 -24.78 -16.27 -23.61
CA ARG B 167 -26.06 -15.79 -24.12
C ARG B 167 -26.80 -14.95 -23.09
N ILE B 168 -26.78 -15.38 -21.82
CA ILE B 168 -27.47 -14.66 -20.77
C ILE B 168 -26.87 -13.27 -20.56
N VAL B 169 -25.53 -13.17 -20.52
CA VAL B 169 -24.93 -11.86 -20.34
C VAL B 169 -25.23 -10.94 -21.53
N LYS B 170 -25.19 -11.48 -22.75
CA LYS B 170 -25.53 -10.65 -23.91
C LYS B 170 -26.98 -10.17 -23.85
N GLN B 171 -27.88 -11.00 -23.34
CA GLN B 171 -29.23 -10.52 -23.04
C GLN B 171 -29.19 -9.40 -22.00
N ALA B 172 -28.44 -9.60 -20.90
CA ALA B 172 -28.39 -8.58 -19.86
C ALA B 172 -27.76 -7.27 -20.36
N MET B 173 -26.89 -7.36 -21.38
CA MET B 173 -26.26 -6.17 -21.94
C MET B 173 -27.16 -5.36 -22.85
N LEU B 174 -28.33 -5.91 -23.24
CA LEU B 174 -29.19 -5.18 -24.16
C LEU B 174 -29.48 -3.79 -23.62
N THR B 175 -29.20 -2.79 -24.45
CA THR B 175 -29.37 -1.39 -24.06
C THR B 175 -30.39 -0.65 -24.90
N GLU B 176 -30.39 -0.86 -26.22
CA GLU B 176 -31.30 -0.14 -27.10
C GLU B 176 -31.55 -0.99 -28.33
N ALA B 177 -32.79 -0.95 -28.82
CA ALA B 177 -33.10 -1.66 -30.04
C ALA B 177 -34.24 -0.95 -30.73
N ASN B 178 -34.15 -0.89 -32.06
CA ASN B 178 -35.20 -0.36 -32.89
C ASN B 178 -35.07 -1.01 -34.26
N GLY B 179 -35.80 -0.49 -35.23
CA GLY B 179 -35.79 -1.09 -36.55
C GLY B 179 -34.48 -0.94 -37.30
N ASP B 180 -33.54 -0.14 -36.79
CA ASP B 180 -32.31 0.16 -37.48
C ASP B 180 -31.07 -0.48 -36.86
N TYR B 181 -31.07 -0.72 -35.55
CA TYR B 181 -29.89 -1.29 -34.91
C TYR B 181 -30.25 -1.83 -33.55
N ILE B 182 -29.34 -2.67 -33.01
CA ILE B 182 -29.36 -3.14 -31.64
C ILE B 182 -28.03 -2.79 -31.00
N ILE B 183 -28.08 -2.22 -29.81
CA ILE B 183 -26.87 -1.93 -29.02
C ILE B 183 -26.87 -2.81 -27.80
N ARG B 184 -25.81 -3.59 -27.64
CA ARG B 184 -25.52 -4.33 -26.42
C ARG B 184 -24.26 -3.70 -25.81
N ALA B 185 -24.36 -3.23 -24.59
CA ALA B 185 -23.30 -2.39 -24.05
C ALA B 185 -23.38 -2.35 -22.53
N LYS B 186 -22.32 -1.80 -21.95
CA LYS B 186 -22.26 -1.57 -20.52
C LYS B 186 -21.54 -0.24 -20.27
N THR B 187 -22.12 0.57 -19.41
CA THR B 187 -21.51 1.83 -18.99
C THR B 187 -20.53 1.59 -17.84
N GLY B 188 -19.67 2.57 -17.65
CA GLY B 188 -18.75 2.55 -16.52
C GLY B 188 -18.43 3.95 -16.06
N TYR B 189 -18.16 4.07 -14.76
CA TYR B 189 -17.85 5.35 -14.15
C TYR B 189 -16.80 5.09 -13.09
N SER B 190 -15.56 5.44 -13.38
CA SER B 190 -14.43 5.20 -12.48
C SER B 190 -14.13 6.49 -11.74
N THR B 191 -14.39 6.50 -10.43
CA THR B 191 -14.27 7.71 -9.61
C THR B 191 -13.34 7.56 -8.41
N ARG B 192 -12.92 6.34 -8.05
CA ARG B 192 -12.17 6.17 -6.81
C ARG B 192 -10.71 6.53 -6.98
N ILE B 193 -10.15 6.36 -8.18
CA ILE B 193 -8.75 6.60 -8.48
C ILE B 193 -8.64 7.48 -9.72
N GLU B 194 -7.75 8.46 -9.66
CA GLU B 194 -7.52 9.30 -10.82
C GLU B 194 -6.82 8.50 -11.92
N PRO B 195 -7.05 8.83 -13.19
CA PRO B 195 -7.97 9.90 -13.62
C PRO B 195 -9.40 9.42 -13.63
N LYS B 196 -10.33 10.26 -13.16
CA LYS B 196 -11.74 9.91 -13.23
C LYS B 196 -12.19 9.88 -14.67
N ILE B 197 -12.83 8.78 -15.08
CA ILE B 197 -13.24 8.60 -16.45
C ILE B 197 -14.60 7.92 -16.46
N GLY B 198 -15.28 8.06 -17.60
CA GLY B 198 -16.47 7.29 -17.91
C GLY B 198 -16.15 6.37 -19.06
N TRP B 199 -16.82 5.21 -19.08
CA TRP B 199 -16.69 4.17 -20.10
C TRP B 199 -18.03 3.96 -20.79
N TRP B 200 -17.99 3.58 -22.06
CA TRP B 200 -19.10 2.89 -22.69
C TRP B 200 -18.53 1.90 -23.67
N VAL B 201 -18.80 0.62 -23.48
CA VAL B 201 -18.27 -0.42 -24.33
C VAL B 201 -19.40 -1.37 -24.74
N GLY B 202 -19.28 -1.90 -25.94
CA GLY B 202 -20.32 -2.78 -26.44
C GLY B 202 -20.22 -2.93 -27.95
N TRP B 203 -21.38 -3.16 -28.56
CA TRP B 203 -21.43 -3.24 -30.01
C TRP B 203 -22.79 -2.82 -30.54
N VAL B 204 -22.81 -2.51 -31.83
CA VAL B 204 -24.01 -2.17 -32.58
C VAL B 204 -24.24 -3.27 -33.58
N GLU B 205 -25.38 -3.95 -33.48
CA GLU B 205 -25.74 -4.99 -34.44
C GLU B 205 -26.53 -4.36 -35.57
N LEU B 206 -26.08 -4.57 -36.79
CA LEU B 206 -26.82 -4.17 -37.98
C LEU B 206 -27.26 -5.44 -38.68
N ASP B 207 -28.13 -5.25 -39.69
CA ASP B 207 -28.63 -6.39 -40.46
C ASP B 207 -27.51 -7.27 -40.97
N ASP B 208 -26.40 -6.68 -41.44
CA ASP B 208 -25.36 -7.43 -42.14
C ASP B 208 -23.96 -7.14 -41.62
N ASN B 209 -23.83 -6.56 -40.44
CA ASN B 209 -22.52 -6.26 -39.89
C ASN B 209 -22.68 -6.00 -38.39
N VAL B 210 -21.56 -6.00 -37.68
CA VAL B 210 -21.51 -5.64 -36.27
C VAL B 210 -20.38 -4.64 -36.12
N TRP B 211 -20.65 -3.54 -35.44
CA TRP B 211 -19.62 -2.56 -35.09
C TRP B 211 -19.39 -2.62 -33.58
N PHE B 212 -18.22 -3.09 -33.17
CA PHE B 212 -17.84 -3.04 -31.78
C PHE B 212 -17.30 -1.66 -31.45
N PHE B 213 -17.54 -1.21 -30.23
CA PHE B 213 -17.04 0.09 -29.80
C PHE B 213 -16.62 0.06 -28.35
N ALA B 214 -15.71 0.95 -28.03
CA ALA B 214 -15.25 1.17 -26.66
C ALA B 214 -14.80 2.61 -26.57
N MET B 215 -15.37 3.34 -25.61
CA MET B 215 -15.02 4.75 -25.44
C MET B 215 -14.74 5.00 -23.98
N ASN B 216 -13.78 5.89 -23.72
CA ASN B 216 -13.65 6.46 -22.39
C ASN B 216 -13.34 7.93 -22.53
N MET B 217 -13.66 8.68 -21.47
CA MET B 217 -13.50 10.12 -21.50
C MET B 217 -13.27 10.60 -20.07
N ASP B 218 -12.55 11.71 -19.94
CA ASP B 218 -12.36 12.30 -18.63
C ASP B 218 -13.71 12.71 -18.06
N MET B 219 -13.90 12.42 -16.78
CA MET B 219 -15.19 12.63 -16.11
C MET B 219 -14.93 13.22 -14.72
N PRO B 220 -14.52 14.48 -14.66
CA PRO B 220 -14.20 15.08 -13.35
C PRO B 220 -15.40 15.13 -12.42
N THR B 221 -16.62 15.23 -12.95
CA THR B 221 -17.83 15.20 -12.14
C THR B 221 -18.88 14.34 -12.83
N SER B 222 -19.91 13.97 -12.08
CA SER B 222 -20.96 13.13 -12.63
C SER B 222 -21.83 13.86 -13.63
N ASP B 223 -21.70 15.18 -13.75
CA ASP B 223 -22.58 15.94 -14.64
C ASP B 223 -22.41 15.54 -16.10
N GLY B 224 -21.24 15.04 -16.48
CA GLY B 224 -20.97 14.73 -17.87
C GLY B 224 -21.25 13.31 -18.29
N LEU B 225 -21.89 12.51 -17.43
CA LEU B 225 -22.02 11.08 -17.71
C LEU B 225 -22.81 10.84 -18.99
N GLY B 226 -23.82 11.66 -19.27
CA GLY B 226 -24.60 11.49 -20.48
C GLY B 226 -23.81 11.66 -21.76
N LEU B 227 -22.61 12.25 -21.66
CA LEU B 227 -21.78 12.43 -22.84
C LEU B 227 -21.15 11.13 -23.32
N ARG B 228 -21.05 10.12 -22.46
CA ARG B 228 -20.51 8.84 -22.91
C ARG B 228 -21.29 8.31 -24.11
N GLN B 229 -22.61 8.24 -23.97
CA GLN B 229 -23.43 7.74 -25.06
C GLN B 229 -23.58 8.77 -26.17
N ALA B 230 -23.74 10.05 -25.79
CA ALA B 230 -24.00 11.07 -26.80
C ALA B 230 -22.82 11.22 -27.76
N ILE B 231 -21.60 11.29 -27.22
CA ILE B 231 -20.44 11.43 -28.11
C ILE B 231 -20.27 10.18 -28.97
N THR B 232 -20.44 9.00 -28.37
CA THR B 232 -20.36 7.76 -29.16
C THR B 232 -21.37 7.79 -30.30
N LYS B 233 -22.60 8.18 -30.01
CA LYS B 233 -23.62 8.19 -31.06
C LYS B 233 -23.34 9.24 -32.13
N GLU B 234 -22.73 10.37 -31.76
CA GLU B 234 -22.37 11.34 -32.78
C GLU B 234 -21.35 10.77 -33.74
N VAL B 235 -20.38 10.01 -33.24
CA VAL B 235 -19.41 9.35 -34.11
C VAL B 235 -20.11 8.30 -34.98
N LEU B 236 -20.98 7.49 -34.38
CA LEU B 236 -21.70 6.49 -35.15
C LEU B 236 -22.51 7.14 -36.27
N LYS B 237 -23.17 8.27 -35.96
CA LYS B 237 -23.92 8.99 -36.98
C LYS B 237 -22.99 9.51 -38.07
N GLN B 238 -21.86 10.11 -37.67
CA GLN B 238 -20.90 10.62 -38.65
C GLN B 238 -20.43 9.53 -39.60
N GLU B 239 -20.18 8.33 -39.09
CA GLU B 239 -19.72 7.23 -39.92
C GLU B 239 -20.87 6.47 -40.58
N LYS B 240 -22.10 6.97 -40.42
CA LYS B 240 -23.29 6.42 -41.08
C LYS B 240 -23.57 4.98 -40.63
N ILE B 241 -23.20 4.67 -39.38
CA ILE B 241 -23.51 3.37 -38.81
C ILE B 241 -24.95 3.35 -38.31
N ILE B 242 -25.40 4.45 -37.73
CA ILE B 242 -26.80 4.61 -37.34
C ILE B 242 -27.32 5.87 -38.00
N PRO B 243 -28.63 5.99 -38.25
CA PRO B 243 -29.17 7.23 -38.79
C PRO B 243 -29.19 8.34 -37.75
N GLU C 2 -1.10 -6.41 -42.04
CA GLU C 2 -0.01 -5.54 -41.64
C GLU C 2 0.64 -6.03 -40.36
N TRP C 3 -0.15 -6.69 -39.51
CA TRP C 3 0.36 -7.31 -38.29
C TRP C 3 -0.17 -8.73 -38.24
N GLN C 4 0.74 -9.70 -38.17
CA GLN C 4 0.36 -11.10 -38.07
C GLN C 4 0.77 -11.63 -36.71
N GLU C 5 -0.11 -12.39 -36.10
CA GLU C 5 0.17 -13.00 -34.81
C GLU C 5 0.62 -14.44 -35.06
N ASN C 6 1.77 -14.80 -34.50
CA ASN C 6 2.33 -16.14 -34.63
C ASN C 6 2.52 -16.69 -33.21
N LYS C 7 1.49 -17.37 -32.69
CA LYS C 7 1.61 -17.87 -31.32
C LYS C 7 2.63 -18.99 -31.19
N SER C 8 3.12 -19.55 -32.29
CA SER C 8 4.14 -20.58 -32.21
C SER C 8 5.40 -20.10 -31.53
N TRP C 9 5.67 -18.79 -31.52
CA TRP C 9 6.83 -18.27 -30.80
C TRP C 9 6.70 -18.43 -29.29
N ASN C 10 5.48 -18.59 -28.79
CA ASN C 10 5.29 -18.77 -27.35
C ASN C 10 6.14 -19.92 -26.81
N ALA C 11 6.45 -20.90 -27.66
CA ALA C 11 7.26 -22.03 -27.22
C ALA C 11 8.63 -21.56 -26.71
N HIS C 12 9.18 -20.50 -27.28
CA HIS C 12 10.46 -20.00 -26.79
C HIS C 12 10.34 -19.37 -25.42
N PHE C 13 9.17 -18.88 -25.03
CA PHE C 13 8.97 -18.39 -23.67
C PHE C 13 8.64 -19.53 -22.71
N THR C 14 7.61 -20.32 -23.05
CA THR C 14 7.22 -21.41 -22.18
C THR C 14 8.35 -22.42 -22.01
N GLU C 15 9.17 -22.60 -23.05
CA GLU C 15 10.30 -23.51 -22.94
C GLU C 15 11.28 -23.09 -21.84
N HIS C 16 11.37 -21.79 -21.57
CA HIS C 16 12.22 -21.29 -20.49
C HIS C 16 11.40 -20.88 -19.28
N LYS C 17 10.17 -21.39 -19.17
CA LYS C 17 9.29 -21.12 -18.04
C LYS C 17 9.14 -19.63 -17.78
N SER C 18 8.88 -18.86 -18.83
N SER C 18 8.87 -18.89 -18.86
CA SER C 18 8.54 -17.45 -18.64
CA SER C 18 8.71 -17.44 -18.83
C SER C 18 7.49 -17.07 -19.68
C SER C 18 7.49 -17.07 -19.67
N GLN C 19 7.19 -15.77 -19.71
CA GLN C 19 6.12 -15.22 -20.52
C GLN C 19 6.57 -13.86 -21.03
N GLY C 20 6.21 -13.54 -22.26
CA GLY C 20 6.55 -12.25 -22.81
C GLY C 20 6.11 -12.14 -24.25
N VAL C 21 6.64 -11.11 -24.91
CA VAL C 21 6.27 -10.77 -26.28
C VAL C 21 7.53 -10.40 -27.06
N VAL C 22 7.59 -10.89 -28.30
CA VAL C 22 8.53 -10.41 -29.31
C VAL C 22 7.71 -9.79 -30.42
N VAL C 23 8.14 -8.61 -30.87
CA VAL C 23 7.56 -7.94 -32.02
C VAL C 23 8.70 -7.76 -33.03
N LEU C 24 8.44 -8.14 -34.28
CA LEU C 24 9.39 -7.97 -35.38
C LEU C 24 8.76 -7.11 -36.47
N TRP C 25 9.60 -6.32 -37.13
CA TRP C 25 9.14 -5.50 -38.25
C TRP C 25 10.11 -5.67 -39.41
N ASN C 26 9.59 -6.17 -40.52
CA ASN C 26 10.35 -6.31 -41.75
C ASN C 26 10.27 -4.99 -42.51
N GLU C 27 11.40 -4.27 -42.58
CA GLU C 27 11.37 -2.94 -43.17
C GLU C 27 11.11 -2.98 -44.68
N ASN C 28 11.75 -3.90 -45.41
CA ASN C 28 11.54 -3.96 -46.86
C ASN C 28 10.08 -4.16 -47.20
N LYS C 29 9.42 -5.08 -46.48
CA LYS C 29 8.05 -5.46 -46.78
C LYS C 29 7.02 -4.67 -45.97
N GLN C 30 7.44 -3.89 -44.99
CA GLN C 30 6.53 -3.11 -44.17
C GLN C 30 5.49 -4.03 -43.53
N GLN C 31 5.97 -5.10 -42.91
CA GLN C 31 5.13 -6.12 -42.30
C GLN C 31 5.64 -6.40 -40.91
N GLY C 32 4.71 -6.51 -39.98
CA GLY C 32 5.01 -6.76 -38.58
C GLY C 32 4.51 -8.13 -38.15
N PHE C 33 5.14 -8.69 -37.13
CA PHE C 33 4.87 -10.02 -36.59
C PHE C 33 5.03 -10.00 -35.08
N THR C 34 4.16 -10.71 -34.38
CA THR C 34 4.30 -10.81 -32.93
C THR C 34 3.61 -12.08 -32.47
N ASN C 35 4.03 -12.58 -31.31
CA ASN C 35 3.33 -13.74 -30.73
C ASN C 35 2.12 -13.36 -29.92
N ASN C 36 1.95 -12.09 -29.57
CA ASN C 36 0.89 -11.70 -28.63
C ASN C 36 0.49 -10.26 -28.95
N LEU C 37 -0.59 -10.12 -29.73
CA LEU C 37 -1.00 -8.80 -30.18
C LEU C 37 -1.35 -7.90 -29.02
N LYS C 38 -1.97 -8.47 -27.98
CA LYS C 38 -2.38 -7.64 -26.86
C LYS C 38 -1.16 -7.13 -26.10
N ARG C 39 -0.26 -8.02 -25.72
CA ARG C 39 0.91 -7.58 -24.96
C ARG C 39 1.82 -6.68 -25.79
N ALA C 40 1.83 -6.86 -27.11
CA ALA C 40 2.61 -5.98 -27.99
C ALA C 40 2.21 -4.53 -27.83
N ASN C 41 0.96 -4.28 -27.42
CA ASN C 41 0.43 -2.93 -27.29
C ASN C 41 0.21 -2.53 -25.83
N GLN C 42 0.63 -3.35 -24.88
CA GLN C 42 0.60 -3.00 -23.47
C GLN C 42 1.80 -2.13 -23.11
N ALA C 43 1.57 -1.12 -22.28
CA ALA C 43 2.58 -0.10 -22.03
C ALA C 43 3.31 -0.40 -20.73
N PHE C 44 4.64 -0.41 -20.78
CA PHE C 44 5.47 -0.66 -19.62
C PHE C 44 6.46 0.49 -19.41
N LEU C 45 7.00 0.57 -18.20
CA LEU C 45 8.14 1.44 -17.97
C LEU C 45 9.24 1.10 -18.97
N PRO C 46 9.85 2.09 -19.60
CA PRO C 46 10.94 1.79 -20.54
C PRO C 46 12.23 1.37 -19.85
N ALA C 47 12.43 1.77 -18.60
CA ALA C 47 13.67 1.54 -17.88
C ALA C 47 14.85 1.90 -18.79
N SER C 48 15.89 1.08 -18.80
CA SER C 48 17.12 1.51 -19.48
C SER C 48 16.99 1.59 -21.00
N THR C 49 15.88 1.11 -21.61
CA THR C 49 15.72 1.41 -23.03
C THR C 49 15.53 2.91 -23.25
N PHE C 50 15.19 3.63 -22.20
CA PHE C 50 15.09 5.08 -22.28
C PHE C 50 16.46 5.75 -22.53
N KCX C 51 17.53 4.99 -22.34
CA KCX C 51 18.85 5.57 -22.61
CB KCX C 51 19.96 4.60 -22.15
CG KCX C 51 20.03 4.54 -20.62
CD KCX C 51 21.26 3.78 -20.13
CE KCX C 51 21.36 3.90 -18.63
NZ KCX C 51 20.26 3.21 -17.95
C KCX C 51 19.00 5.94 -24.09
O KCX C 51 19.82 6.80 -24.44
CX KCX C 51 19.21 3.83 -17.40
OQ1 KCX C 51 19.10 5.08 -17.38
OQ2 KCX C 51 18.32 3.14 -16.87
N ILE C 52 18.16 5.36 -24.95
CA ILE C 52 18.23 5.74 -26.35
C ILE C 52 17.75 7.21 -26.52
N PRO C 53 16.49 7.53 -26.17
CA PRO C 53 16.07 8.95 -26.29
C PRO C 53 16.89 9.88 -25.41
N ASN C 54 17.24 9.45 -24.21
CA ASN C 54 18.03 10.30 -23.33
C ASN C 54 19.36 10.68 -23.97
N SER C 55 20.06 9.72 -24.58
CA SER C 55 21.32 10.03 -25.27
C SER C 55 21.11 11.03 -26.39
N LEU C 56 20.05 10.82 -27.19
CA LEU C 56 19.80 11.71 -28.30
C LEU C 56 19.60 13.15 -27.84
N ILE C 57 18.80 13.32 -26.79
CA ILE C 57 18.50 14.66 -26.29
C ILE C 57 19.75 15.28 -25.68
N ALA C 58 20.51 14.48 -24.94
CA ALA C 58 21.71 15.00 -24.30
C ALA C 58 22.72 15.47 -25.34
N LEU C 59 22.86 14.71 -26.42
CA LEU C 59 23.77 15.10 -27.50
C LEU C 59 23.26 16.33 -28.23
N ASP C 60 21.96 16.36 -28.56
CA ASP C 60 21.48 17.46 -29.37
C ASP C 60 21.54 18.77 -28.60
N LEU C 61 21.39 18.73 -27.28
CA LEU C 61 21.45 19.94 -26.46
C LEU C 61 22.87 20.28 -26.03
N GLY C 62 23.87 19.47 -26.37
CA GLY C 62 25.23 19.76 -25.94
C GLY C 62 25.54 19.39 -24.51
N VAL C 63 24.61 18.75 -23.80
CA VAL C 63 24.92 18.18 -22.50
C VAL C 63 26.01 17.13 -22.63
N VAL C 64 26.00 16.36 -23.71
CA VAL C 64 27.09 15.47 -24.06
C VAL C 64 27.72 16.00 -25.35
N LYS C 65 29.04 16.23 -25.30
CA LYS C 65 29.72 16.84 -26.43
C LYS C 65 29.95 15.82 -27.54
N ASP C 66 30.37 14.62 -27.18
CA ASP C 66 30.58 13.55 -28.16
C ASP C 66 30.77 12.25 -27.39
N GLU C 67 31.01 11.17 -28.14
CA GLU C 67 31.04 9.83 -27.55
C GLU C 67 32.34 9.55 -26.81
N HIS C 68 33.28 10.48 -26.80
CA HIS C 68 34.51 10.32 -26.04
C HIS C 68 34.50 11.05 -24.71
N GLN C 69 33.58 11.99 -24.53
CA GLN C 69 33.53 12.75 -23.29
C GLN C 69 33.41 11.80 -22.10
N VAL C 70 34.26 12.02 -21.10
CA VAL C 70 34.33 11.16 -19.94
C VAL C 70 33.46 11.72 -18.83
N PHE C 71 32.60 10.87 -18.31
CA PHE C 71 31.76 11.18 -17.17
C PHE C 71 32.38 10.47 -15.97
N LYS C 72 33.00 11.25 -15.10
CA LYS C 72 33.77 10.70 -14.01
C LYS C 72 32.85 10.05 -12.99
N TRP C 73 33.27 8.89 -12.49
CA TRP C 73 32.59 8.26 -11.37
C TRP C 73 32.47 9.25 -10.22
N ASP C 74 31.29 9.32 -9.62
CA ASP C 74 31.13 10.25 -8.53
C ASP C 74 31.70 9.72 -7.22
N GLY C 75 32.37 8.57 -7.22
CA GLY C 75 33.00 8.09 -6.00
C GLY C 75 32.08 7.37 -5.03
N GLN C 76 30.80 7.22 -5.36
CA GLN C 76 29.85 6.51 -4.53
C GLN C 76 29.80 5.06 -5.01
N THR C 77 30.18 4.14 -4.14
CA THR C 77 30.19 2.73 -4.51
C THR C 77 28.76 2.21 -4.65
N ARG C 78 28.42 1.70 -5.82
CA ARG C 78 27.11 1.09 -6.06
C ARG C 78 27.29 -0.41 -6.24
N ASP C 79 26.16 -1.11 -6.25
CA ASP C 79 26.17 -2.58 -6.22
C ASP C 79 26.60 -3.20 -7.55
N ILE C 80 26.60 -2.43 -8.63
CA ILE C 80 27.04 -2.94 -9.93
C ILE C 80 28.46 -2.45 -10.15
N ALA C 81 29.43 -3.37 -10.12
CA ALA C 81 30.84 -3.01 -10.16
C ALA C 81 31.20 -2.18 -11.38
N THR C 82 30.62 -2.50 -12.54
CA THR C 82 30.98 -1.76 -13.73
C THR C 82 30.51 -0.30 -13.68
N TRP C 83 29.64 0.03 -12.72
CA TRP C 83 29.21 1.42 -12.56
C TRP C 83 30.20 2.25 -11.78
N ASN C 84 31.08 1.62 -11.01
CA ASN C 84 32.01 2.33 -10.13
C ASN C 84 33.30 2.64 -10.87
N ARG C 85 33.14 3.32 -12.01
CA ARG C 85 34.27 3.69 -12.83
C ARG C 85 33.86 4.83 -13.75
N ASP C 86 34.86 5.40 -14.42
CA ASP C 86 34.58 6.43 -15.41
C ASP C 86 33.92 5.80 -16.63
N HIS C 87 33.09 6.59 -17.33
CA HIS C 87 32.40 6.11 -18.52
C HIS C 87 32.36 7.21 -19.57
N ASN C 88 32.26 6.79 -20.82
CA ASN C 88 31.83 7.67 -21.90
C ASN C 88 30.46 7.17 -22.39
N LEU C 89 29.96 7.79 -23.46
CA LEU C 89 28.61 7.41 -23.92
C LEU C 89 28.56 5.94 -24.34
N ILE C 90 29.63 5.46 -24.96
CA ILE C 90 29.65 4.07 -25.43
C ILE C 90 29.58 3.11 -24.25
N THR C 91 30.46 3.28 -23.26
CA THR C 91 30.51 2.33 -22.16
C THR C 91 29.32 2.49 -21.23
N ALA C 92 28.79 3.71 -21.09
CA ALA C 92 27.62 3.95 -20.26
C ALA C 92 26.38 3.29 -20.84
N MET C 93 26.28 3.23 -22.16
CA MET C 93 25.19 2.52 -22.77
C MET C 93 25.39 1.02 -22.64
N LYS C 94 26.62 0.54 -22.89
CA LYS C 94 26.92 -0.87 -22.81
C LYS C 94 26.62 -1.44 -21.42
N TYR C 95 26.98 -0.71 -20.37
CA TYR C 95 26.81 -1.20 -19.00
C TYR C 95 25.57 -0.61 -18.33
N SER C 96 24.70 0.06 -19.08
N SER C 96 24.71 0.07 -19.10
CA SER C 96 23.43 0.60 -18.57
CA SER C 96 23.46 0.62 -18.60
C SER C 96 23.67 1.40 -17.30
C SER C 96 23.68 1.39 -17.31
N VAL C 97 24.62 2.32 -17.35
CA VAL C 97 25.06 3.03 -16.15
C VAL C 97 24.07 4.11 -15.77
N VAL C 98 23.11 3.73 -14.92
CA VAL C 98 22.03 4.64 -14.55
C VAL C 98 22.56 5.98 -14.05
N PRO C 99 23.51 6.03 -13.11
CA PRO C 99 23.86 7.34 -12.55
C PRO C 99 24.33 8.32 -13.58
N VAL C 100 25.03 7.88 -14.64
CA VAL C 100 25.48 8.81 -15.67
C VAL C 100 24.29 9.44 -16.37
N TYR C 101 23.31 8.63 -16.72
CA TYR C 101 22.13 9.12 -17.42
C TYR C 101 21.22 9.92 -16.49
N GLN C 102 21.28 9.66 -15.19
CA GLN C 102 20.54 10.51 -14.26
C GLN C 102 21.08 11.93 -14.30
N GLU C 103 22.41 12.09 -14.35
CA GLU C 103 22.96 13.42 -14.46
C GLU C 103 22.60 14.06 -15.81
N PHE C 104 22.68 13.29 -16.90
CA PHE C 104 22.17 13.82 -18.17
C PHE C 104 20.79 14.44 -17.97
N ALA C 105 19.88 13.65 -17.38
CA ALA C 105 18.50 14.11 -17.24
C ALA C 105 18.40 15.38 -16.42
N ARG C 106 19.18 15.47 -15.34
CA ARG C 106 19.16 16.70 -14.53
C ARG C 106 19.60 17.90 -15.37
N GLN C 107 20.61 17.71 -16.22
CA GLN C 107 21.11 18.83 -17.02
C GLN C 107 20.14 19.18 -18.14
N ILE C 108 19.49 18.19 -18.73
CA ILE C 108 18.45 18.45 -19.71
C ILE C 108 17.33 19.27 -19.08
N GLY C 109 16.85 18.82 -17.92
CA GLY C 109 15.77 19.51 -17.24
C GLY C 109 14.40 19.10 -17.74
N GLU C 110 13.39 19.26 -16.86
CA GLU C 110 12.04 18.79 -17.14
C GLU C 110 11.47 19.39 -18.41
N ALA C 111 11.57 20.71 -18.57
CA ALA C 111 10.91 21.36 -19.69
C ALA C 111 11.46 20.86 -21.02
N ARG C 112 12.78 20.80 -21.17
CA ARG C 112 13.35 20.35 -22.44
C ARG C 112 13.15 18.85 -22.63
N MET C 113 13.23 18.07 -21.56
CA MET C 113 12.96 16.64 -21.67
C MET C 113 11.54 16.39 -22.17
N SER C 114 10.55 17.05 -21.55
CA SER C 114 9.16 16.87 -21.97
C SER C 114 8.96 17.27 -23.42
N LYS C 115 9.49 18.45 -23.82
CA LYS C 115 9.32 18.88 -25.19
C LYS C 115 9.83 17.84 -26.17
N MET C 116 11.00 17.27 -25.87
CA MET C 116 11.63 16.37 -26.83
C MET C 116 10.89 15.05 -26.91
N LEU C 117 10.35 14.57 -25.80
CA LEU C 117 9.63 13.31 -25.88
C LEU C 117 8.33 13.50 -26.65
N HIS C 118 7.76 14.71 -26.62
CA HIS C 118 6.61 14.97 -27.47
C HIS C 118 7.06 15.10 -28.92
N ALA C 119 8.19 15.75 -29.17
CA ALA C 119 8.70 15.81 -30.54
C ALA C 119 8.99 14.42 -31.08
N PHE C 120 9.47 13.52 -30.22
CA PHE C 120 9.76 12.15 -30.60
C PHE C 120 8.50 11.27 -30.69
N ASP C 121 7.35 11.75 -30.23
CA ASP C 121 6.17 10.89 -30.15
C ASP C 121 6.47 9.62 -29.35
N TYR C 122 7.25 9.78 -28.28
CA TYR C 122 7.81 8.63 -27.56
C TYR C 122 6.82 8.13 -26.51
N GLY C 123 6.27 6.94 -26.73
CA GLY C 123 5.38 6.34 -25.76
C GLY C 123 4.24 7.27 -25.41
N ASN C 124 3.90 7.31 -24.12
CA ASN C 124 2.86 8.22 -23.69
C ASN C 124 3.37 9.65 -23.46
N GLU C 125 4.66 9.92 -23.72
CA GLU C 125 5.20 11.29 -23.71
C GLU C 125 5.01 11.99 -22.36
N ASP C 126 4.98 11.22 -21.27
N ASP C 126 4.91 11.21 -21.29
CA ASP C 126 4.66 11.71 -19.95
CA ASP C 126 4.66 11.76 -19.96
C ASP C 126 5.86 11.51 -19.03
C ASP C 126 5.88 11.52 -19.08
N ILE C 127 6.44 12.61 -18.56
CA ILE C 127 7.65 12.53 -17.72
C ILE C 127 7.32 12.75 -16.25
N SER C 128 6.05 12.59 -15.87
CA SER C 128 5.66 12.77 -14.48
C SER C 128 6.55 11.94 -13.58
N GLY C 129 6.91 12.53 -12.43
CA GLY C 129 7.85 11.90 -11.53
C GLY C 129 9.11 12.72 -11.39
N ASN C 130 10.17 12.13 -10.84
CA ASN C 130 11.42 12.85 -10.66
C ASN C 130 12.15 12.89 -11.99
N VAL C 131 12.71 14.06 -12.33
CA VAL C 131 13.37 14.19 -13.62
C VAL C 131 14.51 13.19 -13.74
N ASP C 132 15.13 12.78 -12.63
CA ASP C 132 16.27 11.88 -12.69
C ASP C 132 15.90 10.41 -12.44
N SER C 133 14.62 10.05 -12.49
CA SER C 133 14.27 8.64 -12.37
C SER C 133 12.94 8.25 -13.01
N PHE C 134 12.31 9.16 -13.73
CA PHE C 134 10.94 8.92 -14.21
C PHE C 134 10.86 7.73 -15.16
N TRP C 135 11.95 7.40 -15.87
CA TRP C 135 11.93 6.20 -16.72
C TRP C 135 12.07 4.92 -15.92
N LEU C 136 12.32 5.02 -14.62
CA LEU C 136 12.42 3.86 -13.74
C LEU C 136 11.25 3.75 -12.79
N ASP C 137 10.66 4.88 -12.36
CA ASP C 137 9.53 4.78 -11.44
C ASP C 137 8.53 5.94 -11.60
N GLY C 138 8.50 6.62 -12.74
CA GLY C 138 7.60 7.70 -12.99
C GLY C 138 6.45 7.26 -13.87
N GLY C 139 5.87 8.23 -14.57
CA GLY C 139 4.66 8.00 -15.34
C GLY C 139 4.88 7.61 -16.78
N ILE C 140 6.12 7.59 -17.26
CA ILE C 140 6.36 7.32 -18.67
C ILE C 140 6.14 5.83 -18.94
N ARG C 141 5.50 5.55 -20.08
CA ARG C 141 5.19 4.19 -20.49
C ARG C 141 5.36 4.08 -22.00
N ILE C 142 5.71 2.89 -22.46
CA ILE C 142 5.85 2.67 -23.88
C ILE C 142 5.60 1.19 -24.13
N SER C 143 4.95 0.89 -25.25
CA SER C 143 4.72 -0.47 -25.68
C SER C 143 5.82 -0.95 -26.63
N ALA C 144 5.88 -2.27 -26.83
CA ALA C 144 6.83 -2.85 -27.76
C ALA C 144 6.64 -2.31 -29.18
N THR C 145 5.38 -2.14 -29.61
N THR C 145 5.37 -2.15 -29.60
CA THR C 145 5.14 -1.62 -30.96
CA THR C 145 5.08 -1.62 -30.93
C THR C 145 5.49 -0.14 -31.07
C THR C 145 5.51 -0.16 -31.05
N GLU C 146 5.27 0.63 -29.99
CA GLU C 146 5.74 2.02 -29.96
C GLU C 146 7.28 2.09 -29.95
N GLN C 147 7.94 1.11 -29.36
CA GLN C 147 9.39 1.07 -29.44
C GLN C 147 9.84 0.95 -30.90
N ILE C 148 9.17 0.08 -31.66
CA ILE C 148 9.54 -0.09 -33.07
C ILE C 148 9.33 1.21 -33.84
N SER C 149 8.19 1.86 -33.64
N SER C 149 8.19 1.86 -33.64
CA SER C 149 7.93 3.12 -34.34
CA SER C 149 7.94 3.12 -34.34
C SER C 149 9.05 4.11 -34.10
C SER C 149 9.07 4.10 -34.10
N PHE C 150 9.45 4.27 -32.84
CA PHE C 150 10.54 5.17 -32.49
C PHE C 150 11.86 4.72 -33.13
N LEU C 151 12.17 3.43 -33.04
CA LEU C 151 13.44 2.94 -33.60
C LEU C 151 13.51 3.13 -35.11
N ARG C 152 12.39 2.94 -35.81
CA ARG C 152 12.43 3.12 -37.25
C ARG C 152 12.79 4.56 -37.62
N LYS C 153 12.26 5.53 -36.88
CA LYS C 153 12.60 6.93 -37.10
C LYS C 153 14.08 7.15 -36.86
N LEU C 154 14.60 6.58 -35.78
CA LEU C 154 16.03 6.72 -35.48
C LEU C 154 16.88 6.12 -36.61
N TYR C 155 16.51 4.93 -37.09
CA TYR C 155 17.26 4.29 -38.16
C TYR C 155 17.37 5.19 -39.38
N HIS C 156 16.27 5.88 -39.72
CA HIS C 156 16.19 6.71 -40.92
C HIS C 156 16.58 8.16 -40.67
N ASN C 157 17.11 8.49 -39.49
CA ASN C 157 17.52 9.86 -39.14
C ASN C 157 16.35 10.85 -39.24
N LYS C 158 15.13 10.41 -38.93
CA LYS C 158 13.94 11.26 -39.05
C LYS C 158 13.48 11.86 -37.73
N LEU C 159 14.11 11.51 -36.61
CA LEU C 159 13.75 12.16 -35.37
C LEU C 159 14.19 13.63 -35.42
N HIS C 160 13.52 14.46 -34.62
CA HIS C 160 13.77 15.91 -34.66
C HIS C 160 14.97 16.27 -33.77
N VAL C 161 16.10 15.65 -34.10
CA VAL C 161 17.41 16.08 -33.61
C VAL C 161 18.35 16.00 -34.81
N SER C 162 19.59 16.45 -34.61
CA SER C 162 20.52 16.49 -35.73
C SER C 162 20.81 15.08 -36.24
N GLU C 163 21.23 15.02 -37.52
CA GLU C 163 21.74 13.77 -38.05
C GLU C 163 22.89 13.25 -37.21
N ARG C 164 23.80 14.16 -36.80
CA ARG C 164 24.96 13.77 -36.00
C ARG C 164 24.53 13.06 -34.72
N SER C 165 23.58 13.66 -33.99
CA SER C 165 23.12 13.05 -32.74
C SER C 165 22.60 11.63 -32.99
N GLN C 166 21.85 11.44 -34.08
CA GLN C 166 21.29 10.13 -34.36
C GLN C 166 22.39 9.15 -34.76
N ARG C 167 23.36 9.58 -35.57
CA ARG C 167 24.47 8.70 -35.91
C ARG C 167 25.26 8.27 -34.68
N ILE C 168 25.45 9.20 -33.73
CA ILE C 168 26.23 8.86 -32.54
C ILE C 168 25.50 7.85 -31.66
N VAL C 169 24.19 8.04 -31.46
CA VAL C 169 23.47 7.11 -30.61
C VAL C 169 23.45 5.73 -31.24
N LYS C 170 23.29 5.65 -32.57
CA LYS C 170 23.27 4.36 -33.23
C LYS C 170 24.62 3.67 -33.13
N GLN C 171 25.72 4.43 -33.21
CA GLN C 171 27.02 3.85 -32.90
C GLN C 171 27.01 3.28 -31.48
N ALA C 172 26.52 4.06 -30.52
CA ALA C 172 26.49 3.63 -29.13
C ALA C 172 25.58 2.42 -28.92
N MET C 173 24.58 2.20 -29.80
CA MET C 173 23.75 1.03 -29.65
C MET C 173 24.40 -0.25 -30.15
N LEU C 174 25.56 -0.16 -30.80
CA LEU C 174 26.19 -1.34 -31.39
C LEU C 174 26.37 -2.42 -30.32
N THR C 175 25.81 -3.59 -30.59
CA THR C 175 25.84 -4.70 -29.62
C THR C 175 26.56 -5.92 -30.15
N GLU C 176 26.37 -6.26 -31.43
CA GLU C 176 27.00 -7.44 -32.00
C GLU C 176 27.15 -7.24 -33.50
N ALA C 177 28.24 -7.76 -34.05
CA ALA C 177 28.46 -7.70 -35.49
C ALA C 177 29.35 -8.85 -35.92
N ASN C 178 29.03 -9.43 -37.07
CA ASN C 178 29.83 -10.48 -37.66
C ASN C 178 29.61 -10.43 -39.17
N GLY C 179 30.10 -11.44 -39.87
CA GLY C 179 29.95 -11.48 -41.31
C GLY C 179 28.53 -11.66 -41.80
N ASP C 180 27.59 -11.93 -40.90
CA ASP C 180 26.20 -12.20 -41.28
C ASP C 180 25.22 -11.09 -40.91
N TYR C 181 25.45 -10.35 -39.84
CA TYR C 181 24.49 -9.35 -39.40
C TYR C 181 25.14 -8.39 -38.42
N ILE C 182 24.47 -7.26 -38.21
CA ILE C 182 24.80 -6.28 -37.18
C ILE C 182 23.56 -6.10 -36.31
N ILE C 183 23.73 -6.12 -34.99
CA ILE C 183 22.64 -5.82 -34.06
C ILE C 183 22.98 -4.53 -33.34
N ARG C 184 22.10 -3.56 -33.47
CA ARG C 184 22.10 -2.33 -32.70
C ARG C 184 20.88 -2.38 -31.78
N ALA C 185 21.10 -2.26 -30.48
CA ALA C 185 20.03 -2.55 -29.53
C ALA C 185 20.33 -1.97 -28.17
N LYS C 186 19.32 -2.00 -27.31
CA LYS C 186 19.48 -1.59 -25.92
C LYS C 186 18.62 -2.47 -25.04
N THR C 187 19.23 -2.98 -23.96
CA THR C 187 18.51 -3.76 -22.96
C THR C 187 17.83 -2.86 -21.94
N GLY C 188 16.84 -3.42 -21.26
CA GLY C 188 16.17 -2.74 -20.17
C GLY C 188 15.77 -3.73 -19.11
N TYR C 189 15.70 -3.26 -17.87
CA TYR C 189 15.36 -4.11 -16.73
C TYR C 189 14.57 -3.24 -15.76
N SER C 190 13.26 -3.45 -15.71
CA SER C 190 12.38 -2.62 -14.90
C SER C 190 11.96 -3.38 -13.64
N THR C 191 12.35 -2.89 -12.46
CA THR C 191 12.05 -3.56 -11.21
C THR C 191 11.28 -2.73 -10.21
N ARG C 192 11.17 -1.42 -10.40
CA ARG C 192 10.62 -0.55 -9.35
C ARG C 192 9.11 -0.56 -9.30
N ILE C 193 8.46 -0.88 -10.42
CA ILE C 193 7.01 -0.96 -10.50
C ILE C 193 6.63 -2.29 -11.13
N GLU C 194 5.64 -2.94 -10.58
CA GLU C 194 5.17 -4.21 -11.12
C GLU C 194 4.44 -3.99 -12.44
N PRO C 195 4.51 -4.98 -13.37
CA PRO C 195 5.28 -6.22 -13.29
C PRO C 195 6.76 -5.99 -13.63
N LYS C 196 7.64 -6.68 -12.94
CA LYS C 196 9.06 -6.59 -13.25
C LYS C 196 9.28 -7.24 -14.61
N ILE C 197 9.96 -6.53 -15.50
CA ILE C 197 10.18 -7.01 -16.86
C ILE C 197 11.60 -6.71 -17.33
N GLY C 198 12.00 -7.46 -18.34
CA GLY C 198 13.19 -7.18 -19.11
C GLY C 198 12.79 -6.77 -20.52
N TRP C 199 13.57 -5.87 -21.08
CA TRP C 199 13.38 -5.36 -22.43
C TRP C 199 14.60 -5.70 -23.27
N TRP C 200 14.38 -5.89 -24.57
CA TRP C 200 15.47 -5.76 -25.56
C TRP C 200 14.84 -5.18 -26.81
N VAL C 201 15.31 -3.99 -27.24
CA VAL C 201 14.76 -3.32 -28.41
C VAL C 201 15.90 -2.88 -29.31
N GLY C 202 15.65 -2.91 -30.60
CA GLY C 202 16.70 -2.57 -31.55
C GLY C 202 16.38 -3.07 -32.95
N TRP C 203 17.44 -3.34 -33.70
CA TRP C 203 17.24 -3.89 -35.04
C TRP C 203 18.43 -4.73 -35.47
N VAL C 204 18.18 -5.55 -36.49
CA VAL C 204 19.19 -6.41 -37.11
C VAL C 204 19.40 -5.91 -38.53
N GLU C 205 20.64 -5.52 -38.87
CA GLU C 205 20.97 -5.07 -40.21
C GLU C 205 21.51 -6.26 -41.01
N LEU C 206 20.89 -6.51 -42.15
CA LEU C 206 21.36 -7.51 -43.10
C LEU C 206 21.87 -6.79 -44.35
N ASP C 207 22.49 -7.56 -45.24
CA ASP C 207 22.97 -6.99 -46.49
C ASP C 207 21.85 -6.23 -47.22
N ASP C 208 20.63 -6.80 -47.24
CA ASP C 208 19.57 -6.30 -48.12
C ASP C 208 18.28 -6.00 -47.36
N ASN C 209 18.31 -5.91 -46.04
CA ASN C 209 17.11 -5.63 -45.28
C ASN C 209 17.52 -5.26 -43.87
N VAL C 210 16.56 -4.75 -43.11
N VAL C 210 16.56 -4.73 -43.12
CA VAL C 210 16.73 -4.49 -41.69
CA VAL C 210 16.70 -4.48 -41.70
C VAL C 210 15.48 -4.98 -40.97
C VAL C 210 15.47 -5.06 -41.02
N TRP C 211 15.67 -5.73 -39.90
CA TRP C 211 14.58 -6.26 -39.08
C TRP C 211 14.60 -5.54 -37.74
N PHE C 212 13.54 -4.75 -37.48
CA PHE C 212 13.37 -4.11 -36.18
C PHE C 212 12.73 -5.10 -35.19
N PHE C 213 13.13 -4.99 -33.93
CA PHE C 213 12.57 -5.89 -32.94
C PHE C 213 12.41 -5.18 -31.62
N ALA C 214 11.41 -5.63 -30.87
CA ALA C 214 11.19 -5.14 -29.52
C ALA C 214 10.52 -6.27 -28.75
N MET C 215 11.13 -6.64 -27.62
CA MET C 215 10.61 -7.70 -26.78
C MET C 215 10.60 -7.25 -25.33
N ASN C 216 9.60 -7.70 -24.59
CA ASN C 216 9.69 -7.63 -23.15
C ASN C 216 9.17 -8.96 -22.59
N MET C 217 9.59 -9.26 -21.36
CA MET C 217 9.27 -10.52 -20.72
C MET C 217 9.25 -10.34 -19.21
N ASP C 218 8.45 -11.15 -18.55
CA ASP C 218 8.43 -11.15 -17.10
C ASP C 218 9.81 -11.52 -16.55
N MET C 219 10.23 -10.82 -15.51
CA MET C 219 11.57 -10.96 -14.96
C MET C 219 11.49 -10.92 -13.44
N PRO C 220 10.95 -11.97 -12.83
CA PRO C 220 10.78 -11.95 -11.36
C PRO C 220 12.09 -11.88 -10.60
N THR C 221 13.19 -12.36 -11.19
CA THR C 221 14.52 -12.22 -10.58
C THR C 221 15.54 -11.90 -11.67
N SER C 222 16.72 -11.46 -11.25
CA SER C 222 17.75 -11.14 -12.22
C SER C 222 18.33 -12.38 -12.91
N ASP C 223 18.04 -13.58 -12.39
CA ASP C 223 18.65 -14.78 -12.96
C ASP C 223 18.26 -14.98 -14.41
N GLY C 224 17.11 -14.46 -14.83
CA GLY C 224 16.69 -14.71 -16.19
C GLY C 224 17.08 -13.66 -17.21
N LEU C 225 17.94 -12.70 -16.85
CA LEU C 225 18.17 -11.56 -17.74
C LEU C 225 18.73 -11.98 -19.09
N GLY C 226 19.56 -13.03 -19.11
CA GLY C 226 20.13 -13.48 -20.36
C GLY C 226 19.10 -13.98 -21.35
N LEU C 227 17.87 -14.26 -20.89
CA LEU C 227 16.82 -14.75 -21.77
C LEU C 227 16.29 -13.67 -22.69
N ARG C 228 16.45 -12.40 -22.34
CA ARG C 228 16.02 -11.33 -23.24
C ARG C 228 16.67 -11.50 -24.60
N GLN C 229 18.00 -11.65 -24.64
CA GLN C 229 18.68 -11.84 -25.92
C GLN C 229 18.49 -13.24 -26.45
N ALA C 230 18.52 -14.25 -25.58
CA ALA C 230 18.47 -15.64 -26.05
C ALA C 230 17.14 -15.94 -26.71
N ILE C 231 16.04 -15.55 -26.08
CA ILE C 231 14.74 -15.81 -26.68
C ILE C 231 14.58 -15.04 -27.97
N THR C 232 14.98 -13.75 -27.98
CA THR C 232 14.90 -12.97 -29.21
C THR C 232 15.67 -13.64 -30.33
N LYS C 233 16.89 -14.10 -30.05
CA LYS C 233 17.68 -14.73 -31.10
C LYS C 233 17.07 -16.05 -31.55
N GLU C 234 16.40 -16.78 -30.66
CA GLU C 234 15.72 -18.01 -31.10
C GLU C 234 14.62 -17.70 -32.09
N VAL C 235 13.87 -16.61 -31.86
CA VAL C 235 12.84 -16.21 -32.82
C VAL C 235 13.50 -15.81 -34.15
N LEU C 236 14.57 -15.02 -34.07
CA LEU C 236 15.26 -14.60 -35.28
C LEU C 236 15.74 -15.80 -36.09
N LYS C 237 16.33 -16.79 -35.42
CA LYS C 237 16.76 -17.99 -36.16
C LYS C 237 15.57 -18.75 -36.71
N GLN C 238 14.51 -18.92 -35.90
CA GLN C 238 13.35 -19.65 -36.38
C GLN C 238 12.83 -19.05 -37.69
N GLU C 239 12.86 -17.72 -37.80
CA GLU C 239 12.39 -17.02 -38.98
C GLU C 239 13.48 -16.86 -40.05
N LYS C 240 14.63 -17.51 -39.89
CA LYS C 240 15.69 -17.48 -40.90
C LYS C 240 16.20 -16.06 -41.12
N ILE C 241 16.11 -15.22 -40.09
CA ILE C 241 16.66 -13.88 -40.18
C ILE C 241 18.16 -13.90 -39.88
N ILE C 242 18.58 -14.69 -38.91
CA ILE C 242 20.01 -14.92 -38.66
C ILE C 242 20.22 -16.43 -38.73
N PRO C 243 21.43 -16.91 -39.09
CA PRO C 243 21.68 -18.35 -39.17
C PRO C 243 21.70 -19.00 -37.80
N GLU D 2 -28.80 -6.31 15.79
CA GLU D 2 -27.81 -5.42 16.39
C GLU D 2 -27.06 -6.12 17.52
N TRP D 3 -27.71 -7.10 18.16
CA TRP D 3 -27.09 -7.91 19.20
C TRP D 3 -27.40 -9.38 18.97
N GLN D 4 -26.36 -10.20 18.90
CA GLN D 4 -26.52 -11.65 18.75
C GLN D 4 -25.98 -12.37 19.97
N GLU D 5 -26.71 -13.37 20.44
CA GLU D 5 -26.30 -14.18 21.58
C GLU D 5 -25.67 -15.48 21.08
N ASN D 6 -24.50 -15.81 21.59
CA ASN D 6 -23.80 -17.03 21.17
C ASN D 6 -23.52 -17.87 22.43
N LYS D 7 -24.45 -18.78 22.73
CA LYS D 7 -24.30 -19.59 23.94
C LYS D 7 -23.17 -20.61 23.83
N SER D 8 -22.66 -20.86 22.63
CA SER D 8 -21.53 -21.79 22.53
C SER D 8 -20.34 -21.30 23.33
N TRP D 9 -20.25 -20.00 23.57
CA TRP D 9 -19.16 -19.49 24.38
C TRP D 9 -19.24 -19.94 25.83
N ASN D 10 -20.43 -20.33 26.31
CA ASN D 10 -20.56 -20.80 27.69
C ASN D 10 -19.62 -21.96 27.97
N ALA D 11 -19.25 -22.72 26.93
CA ALA D 11 -18.31 -23.82 27.12
C ALA D 11 -16.98 -23.32 27.67
N HIS D 12 -16.59 -22.10 27.34
CA HIS D 12 -15.34 -21.57 27.85
C HIS D 12 -15.41 -21.25 29.33
N PHE D 13 -16.60 -20.99 29.87
CA PHE D 13 -16.76 -20.82 31.31
C PHE D 13 -16.93 -22.17 32.01
N THR D 14 -17.86 -23.00 31.53
CA THR D 14 -18.14 -24.27 32.18
C THR D 14 -16.91 -25.17 32.22
N GLU D 15 -16.01 -25.04 31.26
CA GLU D 15 -14.80 -25.83 31.29
C GLU D 15 -14.05 -25.62 32.60
N HIS D 16 -14.16 -24.41 33.18
CA HIS D 16 -13.50 -24.08 34.43
C HIS D 16 -14.46 -24.08 35.61
N LYS D 17 -15.64 -24.69 35.45
CA LYS D 17 -16.68 -24.69 36.48
C LYS D 17 -16.96 -23.26 36.91
N SER D 18 -16.95 -22.34 35.96
CA SER D 18 -17.13 -20.92 36.24
C SER D 18 -18.38 -20.40 35.53
N GLN D 19 -18.73 -19.16 35.85
CA GLN D 19 -19.89 -18.52 35.28
C GLN D 19 -19.54 -17.06 35.03
N GLY D 20 -19.98 -16.53 33.91
CA GLY D 20 -19.74 -15.13 33.61
C GLY D 20 -20.23 -14.76 32.25
N VAL D 21 -19.78 -13.59 31.79
CA VAL D 21 -20.20 -13.07 30.50
C VAL D 21 -18.98 -12.47 29.80
N VAL D 22 -18.95 -12.63 28.48
CA VAL D 22 -18.08 -11.90 27.58
C VAL D 22 -18.97 -11.14 26.61
N VAL D 23 -18.73 -9.84 26.49
CA VAL D 23 -19.38 -8.99 25.51
C VAL D 23 -18.32 -8.48 24.54
N LEU D 24 -18.59 -8.61 23.24
CA LEU D 24 -17.75 -8.10 22.17
C LEU D 24 -18.53 -7.09 21.34
N TRP D 25 -17.82 -6.08 20.84
CA TRP D 25 -18.40 -5.11 19.93
C TRP D 25 -17.49 -4.93 18.73
N ASN D 26 -18.00 -5.25 17.54
CA ASN D 26 -17.29 -5.05 16.30
C ASN D 26 -17.53 -3.60 15.86
N GLU D 27 -16.48 -2.78 15.92
CA GLU D 27 -16.66 -1.35 15.65
C GLU D 27 -17.01 -1.10 14.20
N ASN D 28 -16.37 -1.81 13.27
CA ASN D 28 -16.63 -1.57 11.86
C ASN D 28 -18.09 -1.82 11.51
N LYS D 29 -18.64 -2.94 12.02
CA LYS D 29 -20.00 -3.37 11.68
C LYS D 29 -21.04 -2.88 12.66
N GLN D 30 -20.63 -2.28 13.78
CA GLN D 30 -21.55 -1.78 14.81
C GLN D 30 -22.49 -2.90 15.28
N GLN D 31 -21.90 -4.03 15.63
CA GLN D 31 -22.69 -5.18 16.04
C GLN D 31 -22.04 -5.80 17.28
N GLY D 32 -22.87 -6.21 18.23
CA GLY D 32 -22.40 -6.79 19.47
C GLY D 32 -22.72 -8.27 19.57
N PHE D 33 -21.93 -8.98 20.36
CA PHE D 33 -22.04 -10.43 20.55
C PHE D 33 -21.78 -10.76 22.00
N THR D 34 -22.55 -11.70 22.55
CA THR D 34 -22.34 -12.09 23.93
C THR D 34 -22.89 -13.49 24.13
N ASN D 35 -22.39 -14.17 25.16
CA ASN D 35 -22.94 -15.46 25.54
C ASN D 35 -24.19 -15.34 26.41
N ASN D 36 -24.47 -14.16 26.95
CA ASN D 36 -25.55 -13.99 27.92
C ASN D 36 -26.05 -12.54 27.83
N LEU D 37 -27.14 -12.35 27.08
CA LEU D 37 -27.64 -11.01 26.81
C LEU D 37 -28.03 -10.28 28.08
N LYS D 38 -28.62 -10.98 29.04
CA LYS D 38 -29.04 -10.29 30.25
C LYS D 38 -27.85 -9.96 31.17
N ARG D 39 -26.95 -10.93 31.40
CA ARG D 39 -25.80 -10.61 32.25
C ARG D 39 -24.92 -9.55 31.61
N ALA D 40 -24.90 -9.46 30.29
CA ALA D 40 -24.18 -8.38 29.62
C ALA D 40 -24.67 -7.02 30.13
N ASN D 41 -25.92 -6.97 30.58
CA ASN D 41 -26.51 -5.72 31.03
C ASN D 41 -26.65 -5.64 32.54
N GLN D 42 -26.13 -6.62 33.28
CA GLN D 42 -26.18 -6.60 34.73
C GLN D 42 -25.08 -5.71 35.28
N ALA D 43 -25.43 -4.84 36.21
CA ALA D 43 -24.49 -3.82 36.67
C ALA D 43 -23.84 -4.24 37.98
N PHE D 44 -22.51 -4.17 38.01
CA PHE D 44 -21.70 -4.54 39.17
C PHE D 44 -20.81 -3.37 39.57
N LEU D 45 -20.27 -3.47 40.78
CA LEU D 45 -19.17 -2.60 41.15
C LEU D 45 -18.08 -2.69 40.11
N PRO D 46 -17.52 -1.58 39.66
CA PRO D 46 -16.46 -1.64 38.65
C PRO D 46 -15.11 -2.07 39.20
N ALA D 47 -14.91 -1.89 40.50
CA ALA D 47 -13.63 -2.12 41.15
C ALA D 47 -12.53 -1.44 40.35
N SER D 48 -11.38 -2.11 40.15
CA SER D 48 -10.22 -1.44 39.56
C SER D 48 -10.38 -1.10 38.07
N THR D 49 -11.42 -1.58 37.37
CA THR D 49 -11.70 -1.00 36.06
C THR D 49 -12.03 0.48 36.19
N PHE D 50 -12.40 0.94 37.38
CA PHE D 50 -12.65 2.36 37.61
C PHE D 50 -11.38 3.20 37.49
N KCX D 51 -10.22 2.55 37.46
CA KCX D 51 -8.99 3.31 37.28
CB KCX D 51 -7.78 2.40 37.50
CG KCX D 51 -7.64 2.05 39.02
CD KCX D 51 -6.33 1.30 39.36
CE KCX D 51 -6.17 1.11 40.89
NZ KCX D 51 -7.23 0.20 41.38
C KCX D 51 -8.93 4.02 35.93
O KCX D 51 -8.20 5.01 35.77
CX KCX D 51 -8.28 0.70 42.03
OQ1 KCX D 51 -8.33 1.93 42.26
OQ2 KCX D 51 -9.19 -0.07 42.41
N ILE D 52 -9.71 3.55 34.97
CA ILE D 52 -9.75 4.22 33.69
C ILE D 52 -10.39 5.62 33.85
N PRO D 53 -11.65 5.72 34.29
CA PRO D 53 -12.22 7.07 34.49
C PRO D 53 -11.47 7.89 35.54
N ASN D 54 -11.01 7.24 36.62
CA ASN D 54 -10.27 7.96 37.66
C ASN D 54 -9.01 8.63 37.09
N SER D 55 -8.25 7.89 36.25
CA SER D 55 -7.05 8.47 35.61
C SER D 55 -7.42 9.66 34.73
N LEU D 56 -8.47 9.51 33.93
CA LEU D 56 -8.88 10.61 33.04
C LEU D 56 -9.20 11.86 33.82
N ILE D 57 -9.95 11.72 34.91
CA ILE D 57 -10.35 12.87 35.68
C ILE D 57 -9.15 13.48 36.38
N ALA D 58 -8.27 12.64 36.94
CA ALA D 58 -7.09 13.15 37.62
C ALA D 58 -6.18 13.90 36.65
N LEU D 59 -6.03 13.38 35.44
CA LEU D 59 -5.21 14.07 34.45
C LEU D 59 -5.85 15.38 34.02
N ASP D 60 -7.16 15.36 33.73
CA ASP D 60 -7.75 16.57 33.18
C ASP D 60 -7.76 17.70 34.20
N LEU D 61 -7.84 17.37 35.49
CA LEU D 61 -7.84 18.35 36.54
C LEU D 61 -6.43 18.72 37.02
N GLY D 62 -5.40 18.08 36.48
CA GLY D 62 -4.07 18.41 36.93
C GLY D 62 -3.67 17.77 38.24
N VAL D 63 -4.50 16.89 38.80
CA VAL D 63 -4.07 16.12 39.95
C VAL D 63 -2.86 15.27 39.58
N VAL D 64 -2.86 14.70 38.38
CA VAL D 64 -1.70 14.02 37.82
C VAL D 64 -1.19 14.87 36.68
N LYS D 65 0.09 15.24 36.75
CA LYS D 65 0.62 16.15 35.75
C LYS D 65 0.91 15.42 34.44
N ASP D 66 1.48 14.22 34.52
CA ASP D 66 1.72 13.43 33.33
C ASP D 66 2.03 12.01 33.77
N GLU D 67 2.34 11.15 32.80
CA GLU D 67 2.53 9.74 33.08
C GLU D 67 3.87 9.40 33.71
N HIS D 68 4.75 10.40 33.90
CA HIS D 68 6.03 10.22 34.59
C HIS D 68 6.02 10.66 36.05
N GLN D 69 5.02 11.43 36.48
CA GLN D 69 4.98 11.90 37.86
C GLN D 69 5.03 10.72 38.82
N VAL D 70 5.91 10.81 39.80
CA VAL D 70 6.10 9.72 40.77
C VAL D 70 5.22 9.98 41.98
N PHE D 71 4.43 8.97 42.34
CA PHE D 71 3.64 8.97 43.58
C PHE D 71 4.35 8.04 44.56
N LYS D 72 4.95 8.63 45.58
CA LYS D 72 5.80 7.86 46.48
C LYS D 72 4.98 6.97 47.38
N TRP D 73 5.51 5.77 47.63
CA TRP D 73 4.92 4.88 48.62
C TRP D 73 4.79 5.62 49.93
N ASP D 74 3.62 5.52 50.55
CA ASP D 74 3.38 6.20 51.84
C ASP D 74 3.98 5.46 53.02
N GLY D 75 4.71 4.37 52.80
CA GLY D 75 5.38 3.65 53.85
C GLY D 75 4.56 2.60 54.55
N GLN D 76 3.30 2.41 54.19
CA GLN D 76 2.45 1.39 54.81
C GLN D 76 2.59 0.08 54.04
N THR D 77 3.08 -0.96 54.71
CA THR D 77 3.20 -2.27 54.10
C THR D 77 1.81 -2.88 53.94
N ARG D 78 1.41 -3.15 52.71
CA ARG D 78 0.12 -3.74 52.39
C ARG D 78 0.32 -5.15 51.85
N ASP D 79 -0.79 -5.88 51.74
CA ASP D 79 -0.71 -7.31 51.42
C ASP D 79 -0.23 -7.57 50.01
N ILE D 80 -0.27 -6.58 49.13
CA ILE D 80 0.19 -6.74 47.75
C ILE D 80 1.56 -6.11 47.65
N ALA D 81 2.58 -6.95 47.45
CA ALA D 81 3.97 -6.49 47.50
C ALA D 81 4.23 -5.38 46.49
N THR D 82 3.70 -5.52 45.26
CA THR D 82 3.96 -4.50 44.25
C THR D 82 3.42 -3.13 44.63
N TRP D 83 2.51 -3.05 45.62
CA TRP D 83 1.96 -1.78 46.05
C TRP D 83 2.89 -1.01 46.97
N ASN D 84 3.87 -1.68 47.56
CA ASN D 84 4.75 -1.09 48.57
C ASN D 84 6.03 -0.53 47.91
N ARG D 85 5.83 0.35 46.94
CA ARG D 85 6.93 0.95 46.20
C ARG D 85 6.43 2.19 45.48
N ASP D 86 7.35 3.01 44.98
CA ASP D 86 6.95 4.19 44.22
C ASP D 86 6.31 3.78 42.90
N HIS D 87 5.38 4.60 42.40
CA HIS D 87 4.67 4.33 41.17
C HIS D 87 4.46 5.61 40.37
N ASN D 88 4.33 5.46 39.05
CA ASN D 88 3.79 6.52 38.20
C ASN D 88 2.45 6.03 37.65
N LEU D 89 1.85 6.82 36.77
CA LEU D 89 0.50 6.45 36.29
C LEU D 89 0.51 5.10 35.58
N ILE D 90 1.57 4.84 34.81
CA ILE D 90 1.69 3.61 34.02
C ILE D 90 1.78 2.38 34.93
N THR D 91 2.69 2.42 35.90
CA THR D 91 2.87 1.26 36.77
C THR D 91 1.73 1.13 37.77
N ALA D 92 1.11 2.27 38.17
CA ALA D 92 -0.02 2.20 39.10
C ALA D 92 -1.20 1.50 38.44
N MET D 93 -1.40 1.73 37.15
N MET D 93 -1.42 1.78 37.17
CA MET D 93 -2.47 1.04 36.45
CA MET D 93 -2.43 1.06 36.40
C MET D 93 -2.10 -0.42 36.22
C MET D 93 -2.06 -0.41 36.31
N LYS D 94 -0.84 -0.69 35.85
CA LYS D 94 -0.39 -2.04 35.60
C LYS D 94 -0.60 -2.93 36.82
N TYR D 95 -0.25 -2.42 38.02
CA TYR D 95 -0.33 -3.20 39.24
C TYR D 95 -1.60 -2.94 40.04
N SER D 96 -2.55 -2.18 39.49
N SER D 96 -2.53 -2.16 39.49
CA SER D 96 -3.83 -1.89 40.15
CA SER D 96 -3.82 -1.90 40.13
C SER D 96 -3.61 -1.38 41.56
C SER D 96 -3.61 -1.39 41.55
N VAL D 97 -2.70 -0.42 41.68
CA VAL D 97 -2.30 0.09 43.00
C VAL D 97 -3.38 1.00 43.59
N VAL D 98 -4.30 0.39 44.34
CA VAL D 98 -5.43 1.12 44.93
C VAL D 98 -4.99 2.35 45.71
N PRO D 99 -3.98 2.28 46.57
CA PRO D 99 -3.64 3.45 47.40
C PRO D 99 -3.33 4.69 46.59
N VAL D 100 -2.71 4.53 45.41
CA VAL D 100 -2.41 5.70 44.59
C VAL D 100 -3.68 6.35 44.09
N TYR D 101 -4.63 5.55 43.60
CA TYR D 101 -5.86 6.09 43.08
C TYR D 101 -6.78 6.59 44.18
N GLN D 102 -6.65 6.07 45.39
CA GLN D 102 -7.40 6.65 46.50
C GLN D 102 -6.94 8.06 46.79
N GLU D 103 -5.63 8.31 46.71
CA GLU D 103 -5.15 9.68 46.84
C GLU D 103 -5.66 10.56 45.71
N PHE D 104 -5.61 10.06 44.45
CA PHE D 104 -6.21 10.78 43.32
C PHE D 104 -7.64 11.19 43.66
N ALA D 105 -8.43 10.22 44.07
CA ALA D 105 -9.85 10.47 44.34
C ALA D 105 -10.05 11.54 45.40
N ARG D 106 -9.26 11.51 46.47
CA ARG D 106 -9.40 12.52 47.52
C ARG D 106 -9.11 13.91 46.98
N GLN D 107 -8.10 14.04 46.09
CA GLN D 107 -7.77 15.34 45.53
C GLN D 107 -8.81 15.79 44.51
N ILE D 108 -9.38 14.86 43.76
CA ILE D 108 -10.50 15.21 42.89
C ILE D 108 -11.67 15.73 43.72
N GLY D 109 -12.05 15.00 44.75
CA GLY D 109 -13.14 15.41 45.61
C GLY D 109 -14.49 14.98 45.07
N GLU D 110 -15.45 14.86 46.00
CA GLU D 110 -16.76 14.29 45.66
C GLU D 110 -17.45 15.07 44.54
N ALA D 111 -17.46 16.40 44.65
CA ALA D 111 -18.24 17.21 43.71
C ALA D 111 -17.73 17.03 42.29
N ARG D 112 -16.41 17.16 42.10
CA ARG D 112 -15.87 17.02 40.75
C ARG D 112 -15.95 15.59 40.26
N MET D 113 -15.77 14.62 41.15
CA MET D 113 -15.90 13.23 40.74
C MET D 113 -17.32 12.94 40.22
N SER D 114 -18.33 13.34 40.98
CA SER D 114 -19.72 13.09 40.60
C SER D 114 -20.05 13.76 39.27
N LYS D 115 -19.67 15.04 39.12
CA LYS D 115 -19.97 15.76 37.89
C LYS D 115 -19.31 15.10 36.69
N MET D 116 -18.05 14.68 36.83
N MET D 116 -18.04 14.70 36.83
CA MET D 116 -17.35 14.11 35.67
CA MET D 116 -17.32 14.09 35.71
C MET D 116 -17.93 12.75 35.27
C MET D 116 -17.94 12.77 35.28
N LEU D 117 -18.38 11.96 36.25
CA LEU D 117 -18.99 10.69 35.88
C LEU D 117 -20.33 10.93 35.20
N HIS D 118 -21.04 12.00 35.55
CA HIS D 118 -22.22 12.36 34.79
C HIS D 118 -21.84 12.75 33.37
N ALA D 119 -20.81 13.58 33.23
CA ALA D 119 -20.36 14.00 31.90
C ALA D 119 -19.93 12.79 31.07
N PHE D 120 -19.32 11.79 31.71
CA PHE D 120 -18.94 10.55 31.04
C PHE D 120 -20.12 9.62 30.77
N ASP D 121 -21.29 9.88 31.34
CA ASP D 121 -22.42 8.95 31.22
C ASP D 121 -22.04 7.57 31.75
N TYR D 122 -21.27 7.54 32.83
CA TYR D 122 -20.62 6.31 33.31
C TYR D 122 -21.53 5.53 34.25
N GLY D 123 -21.97 4.34 33.82
CA GLY D 123 -22.73 3.48 34.69
C GLY D 123 -23.95 4.18 35.25
N ASN D 124 -24.22 3.96 36.54
CA ASN D 124 -25.32 4.64 37.21
C ASN D 124 -24.94 6.01 37.77
N GLU D 125 -23.68 6.44 37.58
CA GLU D 125 -23.20 7.79 37.91
C GLU D 125 -23.31 8.11 39.40
N ASP D 126 -23.37 7.10 40.25
CA ASP D 126 -23.63 7.25 41.68
C ASP D 126 -22.34 6.97 42.45
N ILE D 127 -21.78 7.99 43.07
CA ILE D 127 -20.53 7.83 43.80
C ILE D 127 -20.78 7.67 45.31
N SER D 128 -22.00 7.36 45.71
CA SER D 128 -22.33 7.24 47.13
C SER D 128 -21.34 6.32 47.85
N GLY D 129 -20.92 6.73 49.05
CA GLY D 129 -19.88 6.02 49.76
C GLY D 129 -18.67 6.91 50.00
N ASN D 130 -17.53 6.32 50.33
CA ASN D 130 -16.34 7.12 50.56
C ASN D 130 -15.80 7.60 49.23
N VAL D 131 -15.39 8.87 49.17
CA VAL D 131 -14.88 9.40 47.91
C VAL D 131 -13.69 8.57 47.44
N ASP D 132 -12.97 7.94 48.37
CA ASP D 132 -11.79 7.15 48.04
C ASP D 132 -12.03 5.63 48.11
N SER D 133 -13.29 5.17 48.02
CA SER D 133 -13.50 3.72 47.94
C SER D 133 -14.82 3.33 47.31
N PHE D 134 -15.58 4.29 46.77
CA PHE D 134 -16.93 4.00 46.31
C PHE D 134 -16.93 3.00 45.14
N TRP D 135 -15.85 2.95 44.35
CA TRP D 135 -15.77 1.99 43.25
C TRP D 135 -15.45 0.57 43.72
N LEU D 136 -15.10 0.40 44.99
CA LEU D 136 -14.83 -0.89 45.59
C LEU D 136 -15.92 -1.33 46.56
N ASP D 137 -16.56 -0.38 47.23
CA ASP D 137 -17.56 -0.77 48.19
C ASP D 137 -18.66 0.28 48.37
N GLY D 138 -18.85 1.18 47.42
CA GLY D 138 -19.90 2.19 47.43
C GLY D 138 -21.03 1.85 46.49
N GLY D 139 -21.70 2.90 45.99
CA GLY D 139 -22.92 2.76 45.24
C GLY D 139 -22.83 2.71 43.73
N ILE D 140 -21.64 2.89 43.17
CA ILE D 140 -21.49 2.94 41.70
C ILE D 140 -21.64 1.54 41.12
N ARG D 141 -22.37 1.45 40.01
CA ARG D 141 -22.61 0.17 39.35
C ARG D 141 -22.52 0.40 37.86
N ILE D 142 -21.97 -0.56 37.13
CA ILE D 142 -21.84 -0.46 35.69
C ILE D 142 -21.88 -1.86 35.09
N SER D 143 -22.56 -1.98 33.95
CA SER D 143 -22.64 -3.24 33.24
C SER D 143 -21.55 -3.36 32.17
N ALA D 144 -21.41 -4.57 31.64
CA ALA D 144 -20.44 -4.81 30.57
C ALA D 144 -20.76 -3.99 29.33
N THR D 145 -22.04 -3.92 28.94
CA THR D 145 -22.38 -3.10 27.78
C THR D 145 -22.13 -1.62 28.06
N GLU D 146 -22.34 -1.17 29.30
CA GLU D 146 -22.04 0.21 29.67
C GLU D 146 -20.53 0.48 29.68
N GLN D 147 -19.74 -0.52 30.07
CA GLN D 147 -18.30 -0.37 29.96
C GLN D 147 -17.88 -0.16 28.51
N ILE D 148 -18.45 -0.94 27.59
CA ILE D 148 -18.12 -0.80 26.16
C ILE D 148 -18.53 0.59 25.67
N SER D 149 -19.73 1.04 26.01
CA SER D 149 -20.16 2.37 25.59
C SER D 149 -19.13 3.42 26.00
N PHE D 150 -18.71 3.35 27.25
CA PHE D 150 -17.70 4.30 27.75
C PHE D 150 -16.36 4.14 27.01
N LEU D 151 -15.90 2.90 26.84
CA LEU D 151 -14.63 2.67 26.17
C LEU D 151 -14.65 3.16 24.73
N ARG D 152 -15.77 3.01 24.03
CA ARG D 152 -15.84 3.47 22.64
C ARG D 152 -15.63 4.98 22.57
N LYS D 153 -16.23 5.71 23.50
CA LYS D 153 -16.01 7.17 23.53
C LYS D 153 -14.54 7.48 23.79
N LEU D 154 -13.92 6.74 24.71
CA LEU D 154 -12.49 6.94 24.99
C LEU D 154 -11.64 6.69 23.76
N TYR D 155 -11.87 5.57 23.09
CA TYR D 155 -11.10 5.25 21.88
C TYR D 155 -11.17 6.37 20.86
N HIS D 156 -12.34 6.99 20.71
CA HIS D 156 -12.58 8.05 19.73
C HIS D 156 -12.30 9.44 20.27
N ASN D 157 -11.72 9.56 21.47
CA ASN D 157 -11.43 10.85 22.09
C ASN D 157 -12.70 11.70 22.21
N LYS D 158 -13.84 11.06 22.46
CA LYS D 158 -15.11 11.75 22.51
C LYS D 158 -15.57 12.06 23.94
N LEU D 159 -14.84 11.59 24.96
CA LEU D 159 -15.20 11.97 26.32
C LEU D 159 -14.88 13.44 26.55
N HIS D 160 -15.58 14.02 27.51
CA HIS D 160 -15.50 15.45 27.78
C HIS D 160 -14.35 15.76 28.73
N VAL D 161 -13.15 15.36 28.30
CA VAL D 161 -11.87 15.78 28.86
C VAL D 161 -10.94 16.04 27.67
N SER D 162 -9.75 16.55 27.96
CA SER D 162 -8.86 16.93 26.86
C SER D 162 -8.47 15.71 26.04
N GLU D 163 -8.12 15.96 24.78
CA GLU D 163 -7.54 14.87 23.98
C GLU D 163 -6.32 14.31 24.67
N ARG D 164 -5.49 15.19 25.23
CA ARG D 164 -4.26 14.74 25.88
C ARG D 164 -4.56 13.75 26.99
N SER D 165 -5.51 14.08 27.86
CA SER D 165 -5.87 13.17 28.94
C SER D 165 -6.27 11.82 28.39
N GLN D 166 -7.06 11.80 27.31
CA GLN D 166 -7.49 10.52 26.78
C GLN D 166 -6.31 9.74 26.18
N ARG D 167 -5.40 10.42 25.48
CA ARG D 167 -4.23 9.73 24.93
C ARG D 167 -3.35 9.13 26.03
N ILE D 168 -3.16 9.86 27.14
CA ILE D 168 -2.30 9.35 28.20
C ILE D 168 -2.92 8.11 28.83
N VAL D 169 -4.24 8.13 29.07
CA VAL D 169 -4.87 6.97 29.69
C VAL D 169 -4.81 5.76 28.76
N LYS D 170 -5.05 5.96 27.47
CA LYS D 170 -4.95 4.84 26.54
C LYS D 170 -3.54 4.29 26.47
N GLN D 171 -2.52 5.15 26.58
CA GLN D 171 -1.16 4.65 26.76
C GLN D 171 -1.04 3.80 28.02
N ALA D 172 -1.57 4.31 29.14
CA ALA D 172 -1.47 3.59 30.39
C ALA D 172 -2.24 2.26 30.35
N MET D 173 -3.27 2.15 29.51
CA MET D 173 -4.02 0.91 29.37
C MET D 173 -3.28 -0.15 28.56
N LEU D 174 -2.14 0.19 27.93
CA LEU D 174 -1.47 -0.77 27.09
C LEU D 174 -1.18 -2.04 27.86
N THR D 175 -1.64 -3.17 27.35
CA THR D 175 -1.49 -4.44 28.06
C THR D 175 -0.68 -5.44 27.28
N GLU D 176 -0.90 -5.52 25.97
CA GLU D 176 -0.19 -6.49 25.14
C GLU D 176 -0.11 -5.97 23.73
N ALA D 177 1.02 -6.25 23.07
CA ALA D 177 1.17 -5.87 21.67
C ALA D 177 2.11 -6.86 21.00
N ASN D 178 1.74 -7.27 19.80
CA ASN D 178 2.59 -8.11 18.98
C ASN D 178 2.27 -7.79 17.53
N GLY D 179 2.80 -8.58 16.60
CA GLY D 179 2.58 -8.31 15.18
C GLY D 179 1.15 -8.52 14.72
N ASP D 180 0.30 -9.10 15.56
CA ASP D 180 -1.07 -9.43 15.19
C ASP D 180 -2.11 -8.53 15.84
N TYR D 181 -1.83 -7.97 17.01
CA TYR D 181 -2.86 -7.18 17.66
C TYR D 181 -2.26 -6.37 18.79
N ILE D 182 -3.01 -5.35 19.21
CA ILE D 182 -2.73 -4.55 20.39
C ILE D 182 -3.95 -4.65 21.31
N ILE D 183 -3.70 -4.87 22.59
CA ILE D 183 -4.76 -4.89 23.60
C ILE D 183 -4.50 -3.76 24.57
N ARG D 184 -5.48 -2.89 24.71
CA ARG D 184 -5.54 -1.87 25.73
C ARG D 184 -6.71 -2.21 26.64
N ALA D 185 -6.43 -2.35 27.94
CA ALA D 185 -7.46 -2.93 28.82
C ALA D 185 -7.14 -2.64 30.27
N LYS D 186 -8.11 -2.94 31.11
CA LYS D 186 -7.94 -2.86 32.56
C LYS D 186 -8.66 -4.01 33.23
N THR D 187 -7.97 -4.68 34.15
CA THR D 187 -8.55 -5.71 34.99
C THR D 187 -9.24 -5.11 36.20
N GLY D 188 -10.14 -5.91 36.77
CA GLY D 188 -10.82 -5.54 37.99
C GLY D 188 -11.10 -6.76 38.84
N TYR D 189 -11.17 -6.54 40.15
CA TYR D 189 -11.42 -7.64 41.07
C TYR D 189 -12.22 -7.06 42.22
N SER D 190 -13.53 -7.34 42.26
CA SER D 190 -14.43 -6.80 43.28
C SER D 190 -14.61 -7.85 44.36
N THR D 191 -14.09 -7.56 45.56
CA THR D 191 -14.10 -8.52 46.66
C THR D 191 -14.79 -8.02 47.91
N ARG D 192 -15.08 -6.72 48.02
CA ARG D 192 -15.58 -6.18 49.29
C ARG D 192 -17.07 -6.38 49.48
N ILE D 193 -17.82 -6.47 48.40
CA ILE D 193 -19.27 -6.66 48.48
C ILE D 193 -19.65 -7.79 47.52
N GLU D 194 -20.53 -8.68 47.97
CA GLU D 194 -20.96 -9.76 47.12
C GLU D 194 -21.81 -9.23 45.97
N PRO D 195 -21.81 -9.90 44.81
CA PRO D 195 -21.02 -11.10 44.52
C PRO D 195 -19.60 -10.73 44.12
N LYS D 196 -18.61 -11.50 44.59
CA LYS D 196 -17.24 -11.28 44.17
C LYS D 196 -17.11 -11.64 42.69
N ILE D 197 -16.56 -10.72 41.91
CA ILE D 197 -16.41 -10.90 40.47
C ILE D 197 -15.05 -10.39 40.03
N GLY D 198 -14.62 -10.89 38.88
CA GLY D 198 -13.48 -10.35 38.17
C GLY D 198 -13.95 -9.70 36.88
N TRP D 199 -13.24 -8.66 36.46
CA TRP D 199 -13.51 -7.89 35.27
C TRP D 199 -12.29 -7.91 34.35
N TRP D 200 -12.53 -7.82 33.05
CA TRP D 200 -11.52 -7.39 32.10
C TRP D 200 -12.25 -6.61 31.02
N VAL D 201 -11.89 -5.35 30.85
CA VAL D 201 -12.53 -4.49 29.87
C VAL D 201 -11.46 -3.78 29.05
N GLY D 202 -11.77 -3.56 27.79
CA GLY D 202 -10.80 -2.93 26.92
C GLY D 202 -11.15 -3.11 25.47
N TRP D 203 -10.11 -3.13 24.63
CA TRP D 203 -10.34 -3.40 23.22
C TRP D 203 -9.12 -4.05 22.59
N VAL D 204 -9.36 -4.68 21.44
CA VAL D 204 -8.32 -5.28 20.62
C VAL D 204 -8.22 -4.48 19.33
N GLU D 205 -7.04 -3.90 19.06
CA GLU D 205 -6.82 -3.17 17.83
C GLU D 205 -6.23 -4.10 16.79
N LEU D 206 -6.88 -4.19 15.65
CA LEU D 206 -6.36 -4.91 14.49
C LEU D 206 -6.00 -3.88 13.45
N ASP D 207 -5.35 -4.37 12.39
CA ASP D 207 -4.96 -3.50 11.29
C ASP D 207 -6.14 -2.68 10.77
N ASP D 208 -7.31 -3.31 10.64
CA ASP D 208 -8.43 -2.70 9.93
C ASP D 208 -9.73 -2.73 10.73
N ASN D 209 -9.66 -2.94 12.04
CA ASN D 209 -10.88 -2.96 12.86
C ASN D 209 -10.44 -2.85 14.31
N VAL D 210 -11.42 -2.59 15.17
CA VAL D 210 -11.24 -2.56 16.61
C VAL D 210 -12.39 -3.37 17.20
N TRP D 211 -12.06 -4.32 18.08
CA TRP D 211 -13.05 -5.10 18.81
C TRP D 211 -13.02 -4.66 20.28
N PHE D 212 -14.09 -4.02 20.73
CA PHE D 212 -14.22 -3.72 22.15
C PHE D 212 -14.69 -4.93 22.91
N PHE D 213 -14.24 -5.04 24.15
CA PHE D 213 -14.70 -6.18 24.94
C PHE D 213 -14.90 -5.79 26.39
N ALA D 214 -15.79 -6.50 27.03
CA ALA D 214 -15.97 -6.36 28.48
C ALA D 214 -16.45 -7.71 28.98
N MET D 215 -15.74 -8.26 29.96
CA MET D 215 -16.14 -9.52 30.56
C MET D 215 -16.16 -9.36 32.08
N ASN D 216 -17.09 -10.06 32.70
CA ASN D 216 -17.03 -10.29 34.14
C ASN D 216 -17.41 -11.73 34.39
N MET D 217 -16.95 -12.24 35.53
CA MET D 217 -17.16 -13.63 35.91
C MET D 217 -17.17 -13.73 37.42
N ASP D 218 -17.89 -14.71 37.94
CA ASP D 218 -17.87 -14.93 39.37
C ASP D 218 -16.46 -15.32 39.79
N MET D 219 -16.02 -14.81 40.93
CA MET D 219 -14.65 -14.99 41.39
C MET D 219 -14.65 -15.27 42.88
N PRO D 220 -15.11 -16.45 43.28
CA PRO D 220 -15.22 -16.75 44.71
C PRO D 220 -13.87 -16.78 45.41
N THR D 221 -12.79 -17.09 44.68
CA THR D 221 -11.45 -17.09 45.25
C THR D 221 -10.51 -16.43 44.24
N SER D 222 -9.33 -16.04 44.73
CA SER D 222 -8.33 -15.41 43.88
C SER D 222 -7.66 -16.38 42.93
N ASP D 223 -7.85 -17.69 43.12
CA ASP D 223 -7.15 -18.68 42.31
C ASP D 223 -7.49 -18.56 40.83
N GLY D 224 -8.68 -18.04 40.52
CA GLY D 224 -9.17 -17.99 39.15
C GLY D 224 -8.92 -16.69 38.43
N LEU D 225 -8.13 -15.77 38.98
CA LEU D 225 -8.02 -14.45 38.36
C LEU D 225 -7.51 -14.53 36.93
N GLY D 226 -6.61 -15.48 36.66
CA GLY D 226 -6.08 -15.65 35.31
C GLY D 226 -7.12 -16.02 34.28
N LEU D 227 -8.29 -16.49 34.73
CA LEU D 227 -9.34 -16.86 33.80
C LEU D 227 -9.98 -15.64 33.15
N ARG D 228 -9.85 -14.45 33.75
CA ARG D 228 -10.41 -13.26 33.11
C ARG D 228 -9.84 -13.09 31.71
N GLN D 229 -8.51 -13.14 31.60
CA GLN D 229 -7.90 -12.98 30.29
C GLN D 229 -8.00 -14.25 29.46
N ALA D 230 -7.84 -15.41 30.09
CA ALA D 230 -7.81 -16.67 29.35
C ALA D 230 -9.14 -16.93 28.67
N ILE D 231 -10.24 -16.75 29.39
CA ILE D 231 -11.56 -17.01 28.80
C ILE D 231 -11.85 -16.02 27.68
N THR D 232 -11.54 -14.74 27.91
CA THR D 232 -11.71 -13.74 26.87
C THR D 232 -10.94 -14.12 25.62
N LYS D 233 -9.68 -14.54 25.78
CA LYS D 233 -8.87 -14.88 24.63
C LYS D 233 -9.39 -16.12 23.91
N GLU D 234 -9.95 -17.09 24.64
CA GLU D 234 -10.53 -18.25 23.97
C GLU D 234 -11.72 -17.83 23.11
N VAL D 235 -12.51 -16.88 23.61
CA VAL D 235 -13.61 -16.33 22.82
C VAL D 235 -13.07 -15.60 21.61
N LEU D 236 -12.06 -14.75 21.82
CA LEU D 236 -11.47 -14.03 20.69
C LEU D 236 -10.93 -15.00 19.65
N LYS D 237 -10.25 -16.07 20.09
CA LYS D 237 -9.73 -17.07 19.17
C LYS D 237 -10.86 -17.78 18.43
N GLN D 238 -11.91 -18.18 19.16
CA GLN D 238 -13.01 -18.86 18.53
C GLN D 238 -13.59 -18.01 17.40
N GLU D 239 -13.68 -16.70 17.61
CA GLU D 239 -14.24 -15.79 16.63
C GLU D 239 -13.19 -15.30 15.61
N LYS D 240 -11.99 -15.89 15.61
CA LYS D 240 -10.96 -15.56 14.61
C LYS D 240 -10.56 -14.10 14.66
N ILE D 241 -10.66 -13.49 15.84
CA ILE D 241 -10.20 -12.12 16.03
C ILE D 241 -8.70 -12.09 16.32
N ILE D 242 -8.20 -13.07 17.07
CA ILE D 242 -6.77 -13.22 17.28
C ILE D 242 -6.39 -14.63 16.88
N PRO D 243 -5.12 -14.88 16.54
CA PRO D 243 -4.72 -16.24 16.16
C PRO D 243 -4.84 -17.22 17.33
CL CL E . 0.84 3.29 23.20
C1 EDO F . -0.16 20.02 16.26
O1 EDO F . -0.53 19.99 17.64
C2 EDO F . -0.36 18.64 15.65
O2 EDO F . -0.01 17.65 16.62
H11 EDO F . -0.78 20.76 15.72
H12 EDO F . 0.89 20.32 16.16
HO1 EDO F . -0.41 20.86 18.03
H21 EDO F . -1.40 18.52 15.35
H22 EDO F . 0.27 18.53 14.77
HO2 EDO F . -0.13 16.77 16.24
C1 EDO G . 7.35 4.35 30.14
O1 EDO G . 8.73 4.72 29.94
C2 EDO G . 6.42 5.33 29.44
O2 EDO G . 6.51 6.59 30.08
H11 EDO G . 7.17 3.34 29.76
H12 EDO G . 7.12 4.33 31.21
HO1 EDO G . 9.31 4.08 30.39
H21 EDO G . 6.72 5.43 28.39
H22 EDO G . 5.40 4.97 29.47
HO2 EDO G . 5.93 7.22 29.63
N1 F1C H . -18.94 4.68 -7.48
C2 F1C H . -23.82 6.73 -12.71
O2 F1C H . -18.39 2.94 -6.11
C4 F1C H . -24.38 8.24 -10.82
C5 F1C H . -25.72 8.52 -11.12
C7 F1C H . -25.61 10.59 -9.91
C6 F1C H . -26.32 9.68 -10.67
C8 F1C H . -24.29 10.34 -9.59
C F1C H . -23.18 5.39 -14.74
C1 F1C H . -23.17 5.63 -13.25
C10 F1C H . -21.81 12.50 -7.71
C11 F1C H . -23.68 9.17 -10.04
C12 F1C H . -22.93 6.22 -10.55
C13 F1C H . -22.28 5.10 -11.06
C14 F1C H . -21.41 4.26 -10.20
C15 F1C H . -21.28 2.90 -10.45
C16 F1C H . -20.40 2.13 -9.71
C17 F1C H . -19.65 2.70 -8.69
C18 F1C H . -19.78 4.06 -8.43
C19 F1C H . -18.19 4.09 -6.52
C20 F1C H . -17.07 4.93 -6.00
C21 F1C H . -20.67 4.83 -9.17
C22 F1C H . -22.42 4.81 -12.41
C3 F1C H . -23.71 7.05 -11.36
C9 F1C H . -22.29 11.26 -8.40
N F1C H . -23.58 11.30 -8.82
O F1C H . -23.94 6.10 -15.44
O1 F1C H . -21.56 10.29 -8.58
O3 F1C H . -22.44 4.48 -15.19
H13 F1C H . -18.92 5.69 -7.54
H F1C H . -24.42 7.36 -13.38
H1 F1C H . -26.28 7.80 -11.70
H3 F1C H . -26.13 11.50 -9.59
H2 F1C H . -27.37 9.88 -10.91
H5 F1C H . -22.60 12.91 -7.08
H6 F1C H . -21.53 13.29 -8.40
H7 F1C H . -20.97 12.31 -7.04
H8 F1C H . -22.65 8.94 -9.78
H9 F1C H . -22.84 6.45 -9.49
H10 F1C H . -21.87 2.44 -11.24
H11 F1C H . -20.30 1.07 -9.92
H12 F1C H . -18.97 2.08 -8.12
H14 F1C H . -17.31 5.99 -6.08
H15 F1C H . -16.15 4.77 -6.57
H16 F1C H . -16.83 4.76 -4.94
H17 F1C H . -20.81 5.89 -8.97
H18 F1C H . -21.92 3.93 -12.84
H4 F1C H . -24.13 12.11 -8.57
CL CL I . -31.84 -10.13 -26.38
C1 EDO J . -36.08 -4.55 -17.46
O1 EDO J . -36.18 -5.97 -17.25
C2 EDO J . -36.51 -4.18 -18.88
O2 EDO J . -36.51 -2.76 -19.02
H11 EDO J . -36.70 -4.02 -16.74
H12 EDO J . -35.03 -4.24 -17.31
HO1 EDO J . -35.91 -6.18 -16.35
H21 EDO J . -35.82 -4.63 -19.60
H22 EDO J . -37.51 -4.58 -19.07
HO2 EDO J . -36.79 -2.52 -19.91
C1 EDO K . -26.74 -10.05 -34.60
O1 EDO K . -25.40 -9.54 -34.82
C2 EDO K . -26.74 -11.06 -33.46
O2 EDO K . -26.35 -12.35 -33.93
H11 EDO K . -27.41 -9.22 -34.38
H12 EDO K . -27.10 -10.53 -35.52
HO1 EDO K . -25.42 -8.90 -35.55
H21 EDO K . -26.06 -10.73 -32.68
H22 EDO K . -27.75 -11.11 -33.03
HO2 EDO K . -26.35 -12.98 -33.19
C1 EDO L . -36.55 -6.88 -10.46
O1 EDO L . -37.77 -6.16 -10.33
C2 EDO L . -36.77 -8.31 -9.97
O2 EDO L . -36.94 -8.28 -8.55
H11 EDO L . -36.22 -6.89 -11.50
H12 EDO L . -35.77 -6.39 -9.85
HO1 EDO L . -37.65 -5.26 -10.64
H21 EDO L . -37.66 -8.72 -10.45
H22 EDO L . -35.92 -8.92 -10.24
HO2 EDO L . -37.08 -9.18 -8.24
C1 EDO M . 33.82 -1.42 -26.74
O1 EDO M . 33.30 -0.75 -25.58
C2 EDO M . 33.95 -2.91 -26.49
O2 EDO M . 32.65 -3.55 -26.50
H11 EDO M . 33.15 -1.25 -27.60
H12 EDO M . 34.79 -1.00 -26.99
HO1 EDO M . 33.22 0.19 -25.76
H21 EDO M . 34.58 -3.37 -27.26
H22 EDO M . 34.42 -3.08 -25.51
HO2 EDO M . 32.76 -4.50 -26.33
C1 EDO N . 6.09 2.84 -37.63
O1 EDO N . 5.18 3.86 -37.19
C2 EDO N . 5.85 1.55 -36.87
O2 EDO N . 5.80 0.44 -37.76
H11 EDO N . 5.95 2.67 -38.70
H12 EDO N . 7.12 3.17 -37.47
HO1 EDO N . 5.34 4.68 -37.69
H21 EDO N . 6.65 1.40 -36.14
H22 EDO N . 4.91 1.61 -36.31
HO2 EDO N . 5.65 -0.38 -37.26
N1 F1C O . -5.15 -12.97 46.47
C2 F1C O . -6.65 -7.19 42.01
O2 F1C O . -5.29 -11.83 48.43
C4 F1C O . -7.23 -6.02 44.13
C5 F1C O . -7.49 -4.79 43.52
C7 F1C O . -8.55 -3.97 45.51
C6 F1C O . -8.14 -3.78 44.20
C8 F1C O . -8.28 -5.18 46.15
C F1C O . -6.11 -8.29 39.81
C1 F1C O . -6.00 -8.22 41.32
C10 F1C O . -9.67 -5.14 49.66
C11 F1C O . -7.64 -6.19 45.45
C12 F1C O . -5.83 -8.09 44.07
C13 F1C O . -5.17 -9.12 43.41
C14 F1C O . -4.42 -10.16 44.15
C15 F1C O . -3.03 -10.24 44.09
C16 F1C O . -2.35 -11.22 44.79
C17 F1C O . -3.04 -12.13 45.59
C18 F1C O . -4.42 -12.06 45.67
C19 F1C O . -5.58 -12.81 47.74
C20 F1C O . -6.45 -13.90 48.26
C21 F1C O . -5.10 -11.08 44.96
C22 F1C O . -5.26 -9.15 42.01
C3 F1C O . -6.56 -7.12 43.40
C9 F1C O . -9.28 -4.55 48.34
N F1C O . -8.67 -5.42 47.49
O F1C O . -6.91 -7.50 39.25
O1 F1C O . -9.49 -3.38 48.07
O3 F1C O . -5.45 -9.18 39.22
H13 F1C O . -5.35 -13.85 46.00
H F1C O . -7.21 -6.46 41.45
H1 F1C O . -7.17 -4.63 42.49
H3 F1C O . -9.06 -3.14 46.00
H2 F1C O . -8.34 -2.84 43.71
H5 F1C O . -10.53 -5.80 49.55
H6 F1C O . -9.96 -4.38 50.39
H7 F1C O . -8.88 -5.75 50.10
H8 F1C O . -7.44 -7.16 45.92
H9 F1C O . -5.77 -8.05 45.16
H10 F1C O . -2.50 -9.53 43.47
H11 F1C O . -1.27 -11.26 44.73
H12 F1C O . -2.48 -12.88 46.14
H14 F1C O . -7.06 -13.56 49.10
H15 F1C O . -5.87 -14.75 48.63
H16 F1C O . -7.17 -14.29 47.54
H17 F1C O . -6.19 -11.00 45.01
H18 F1C O . -4.73 -9.94 41.46
H4 F1C O . -8.45 -6.34 47.84
C1 EDO P . 6.13 -1.05 31.49
O1 EDO P . 6.03 -0.77 32.90
C2 EDO P . 6.62 -2.48 31.28
O2 EDO P . 5.50 -3.38 31.33
H11 EDO P . 5.15 -0.93 31.02
H12 EDO P . 6.83 -0.36 31.03
HO1 EDO P . 5.72 0.14 33.02
H21 EDO P . 7.12 -2.56 30.32
H22 EDO P . 7.34 -2.74 32.06
HO2 EDO P . 5.81 -4.28 31.21
#